data_3A6Z
#
_entry.id   3A6Z
#
_cell.length_a   104.382
_cell.length_b   104.382
_cell.length_c   495.175
_cell.angle_alpha   90.00
_cell.angle_beta   90.00
_cell.angle_gamma   120.00
#
_symmetry.space_group_name_H-M   'P 65 2 2'
#
loop_
_entity.id
_entity.type
_entity.pdbx_description
1 polymer Lipase
2 non-polymer 'CALCIUM ION'
3 water water
#
_entity_poly.entity_id   1
_entity_poly.type   'polypeptide(L)'
_entity_poly.pdbx_seq_one_letter_code
;MGVYDYKNFGTADSKALFSDAMAITLYSYHNLDNGFAAGYQHNGFGLGLPATLVTALLGGTDSQGVIPGIPWNPDSEKLA
LDAVKKAGWTPITASQLGYDGKTDARGTFFGEKAGYTTAQVEILGKYDAQGHLTEIGIAFRGTSGPRENLILDSIGDVIN
DLLAAFGPKDYAKNYVGEAFGNLLNDVVAFAKANGLSGKDVLVSGHSLGGLAVNSMADLSGGKWGGFFADSNYIAYASPT
QSSTDKVLNVGYENDPVFRALDGSTFTGASVGVHDAPKESATDNIVSFNDHYASTAWNLLPFSILNIPTWISHLPTAYGD
GMNRIIESKFYDLTSKDSTIIVANLSDPARANTWVQDLNRNAETHKGSTFIIGSDSNDLIQGGSGNDYLEGRAGNDTFRD
GGGYNVILGGAGNNTLDLQKSVNTFDFANDGAGNLYVRDANGGISITRDIGSIVTKEPGFLWGLFKDDVTHSVTASGLKV
GSNVTQYDASVKGTNGADTLKAHAGGDWLFGLDGNDHLIGGVGNDVFVGGAGNDLMESGGGADTFLFNGAFGQDRVVGFT
SNDKLVFLGVQGVLPNDDFRAHASMVGQDTVLKFGGDSVTLVGVALNSLSADGIVIA
;
_entity_poly.pdbx_strand_id   A,C
#
loop_
_chem_comp.id
_chem_comp.type
_chem_comp.name
_chem_comp.formula
CA non-polymer 'CALCIUM ION' 'Ca 2'
#
# COMPACT_ATOMS: atom_id res chain seq x y z
N GLY A 2 29.23 11.57 20.59
CA GLY A 2 28.58 10.43 19.96
C GLY A 2 27.32 10.93 19.28
N VAL A 3 26.89 10.23 18.21
CA VAL A 3 25.65 10.60 17.50
C VAL A 3 24.41 10.74 18.41
N TYR A 4 24.28 9.85 19.39
CA TYR A 4 23.16 9.86 20.30
C TYR A 4 23.44 10.61 21.61
N ASP A 5 24.48 11.44 21.66
CA ASP A 5 24.63 12.34 22.84
C ASP A 5 23.32 13.03 23.12
N TYR A 6 23.04 13.18 24.40
CA TYR A 6 21.75 13.73 24.82
C TYR A 6 21.94 14.66 25.99
N LYS A 7 21.37 15.86 25.87
CA LYS A 7 21.44 16.88 26.90
C LYS A 7 22.89 17.18 27.26
N ASN A 8 23.24 17.11 28.55
CA ASN A 8 24.65 17.23 28.96
C ASN A 8 25.13 15.97 29.63
N PHE A 9 24.36 14.90 29.47
CA PHE A 9 24.81 13.57 29.85
C PHE A 9 26.05 13.28 29.00
N GLY A 10 27.04 12.57 29.52
CA GLY A 10 28.18 12.39 28.64
C GLY A 10 27.90 11.40 27.52
N THR A 11 28.97 10.94 26.88
CA THR A 11 28.91 9.87 25.89
C THR A 11 28.32 8.59 26.45
N ALA A 12 28.90 8.07 27.53
CA ALA A 12 28.44 6.79 28.12
C ALA A 12 26.99 6.83 28.66
N ASP A 13 26.58 7.92 29.33
CA ASP A 13 25.27 7.99 29.95
C ASP A 13 24.20 8.12 28.85
N SER A 14 24.49 8.94 27.85
CA SER A 14 23.66 9.05 26.65
C SER A 14 23.40 7.67 25.96
N LYS A 15 24.46 6.87 25.79
CA LYS A 15 24.32 5.53 25.19
C LYS A 15 23.44 4.60 26.03
N ALA A 16 23.61 4.65 27.36
CA ALA A 16 22.83 3.80 28.28
C ALA A 16 21.34 4.17 28.18
N LEU A 17 21.08 5.48 28.20
CA LEU A 17 19.75 6.07 27.97
C LEU A 17 19.17 5.60 26.64
N PHE A 18 19.95 5.81 25.57
CA PHE A 18 19.58 5.30 24.27
C PHE A 18 19.16 3.81 24.23
N SER A 19 19.99 2.93 24.79
CA SER A 19 19.72 1.51 24.69
C SER A 19 18.41 1.15 25.43
N ASP A 20 18.16 1.83 26.56
CA ASP A 20 16.92 1.65 27.29
C ASP A 20 15.76 2.09 26.44
N ALA A 21 15.83 3.28 25.84
CA ALA A 21 14.74 3.78 25.00
C ALA A 21 14.43 2.77 23.88
N MET A 22 15.48 2.25 23.24
CA MET A 22 15.28 1.26 22.17
C MET A 22 14.56 0.01 22.69
N ALA A 23 15.01 -0.47 23.85
CA ALA A 23 14.51 -1.67 24.45
C ALA A 23 13.00 -1.51 24.77
N ILE A 24 12.64 -0.40 25.39
CA ILE A 24 11.23 -0.20 25.76
C ILE A 24 10.37 0.07 24.53
N THR A 25 10.97 0.70 23.51
CA THR A 25 10.29 0.92 22.21
C THR A 25 10.01 -0.39 21.49
N LEU A 26 11.02 -1.24 21.43
CA LEU A 26 10.83 -2.60 20.86
C LEU A 26 9.75 -3.39 21.63
N TYR A 27 9.75 -3.31 22.97
CA TYR A 27 8.72 -4.04 23.74
C TYR A 27 7.23 -3.63 23.38
N SER A 28 7.02 -2.34 23.15
CA SER A 28 5.70 -1.77 22.89
C SER A 28 5.07 -2.33 21.61
N TYR A 29 5.89 -2.85 20.69
CA TYR A 29 5.35 -3.54 19.51
C TYR A 29 5.05 -5.03 19.69
N HIS A 30 5.56 -5.68 20.76
CA HIS A 30 5.29 -7.11 21.03
C HIS A 30 5.69 -8.12 19.93
N ASN A 31 6.78 -7.77 19.23
CA ASN A 31 7.35 -8.55 18.12
C ASN A 31 6.48 -8.68 16.87
N LEU A 32 5.66 -7.67 16.63
CA LEU A 32 4.72 -7.75 15.51
C LEU A 32 5.43 -7.85 14.12
N ASP A 33 6.57 -7.19 13.99
CA ASP A 33 7.31 -7.23 12.73
C ASP A 33 8.34 -8.35 12.69
N ASN A 34 8.36 -9.15 13.76
CA ASN A 34 9.27 -10.32 13.85
C ASN A 34 9.18 -11.19 12.57
N GLY A 35 7.99 -11.66 12.23
CA GLY A 35 7.83 -12.40 10.98
C GLY A 35 8.32 -11.69 9.71
N PHE A 36 8.04 -10.41 9.60
CA PHE A 36 8.57 -9.66 8.47
C PHE A 36 10.10 -9.71 8.42
N ALA A 37 10.73 -9.45 9.57
CA ALA A 37 12.18 -9.35 9.68
C ALA A 37 12.84 -10.66 9.25
N ALA A 38 12.26 -11.76 9.74
CA ALA A 38 12.80 -13.06 9.43
C ALA A 38 12.63 -13.44 7.93
N GLY A 39 11.42 -13.20 7.41
CA GLY A 39 11.11 -13.48 5.99
C GLY A 39 12.02 -12.68 5.08
N TYR A 40 12.14 -11.37 5.38
CA TYR A 40 13.06 -10.50 4.67
C TYR A 40 14.48 -10.99 4.72
N GLN A 41 14.96 -11.39 5.90
CA GLN A 41 16.35 -11.79 6.00
C GLN A 41 16.69 -13.03 5.11
N HIS A 42 15.75 -13.95 4.98
CA HIS A 42 15.92 -15.16 4.16
C HIS A 42 15.62 -14.91 2.69
N ASN A 43 14.66 -14.04 2.37
CA ASN A 43 14.12 -13.90 1.03
C ASN A 43 14.43 -12.60 0.25
N GLY A 44 14.71 -11.51 0.98
CA GLY A 44 14.84 -10.20 0.38
C GLY A 44 13.52 -9.45 0.07
N PHE A 45 13.57 -8.59 -0.94
CA PHE A 45 12.54 -7.59 -1.16
C PHE A 45 12.31 -7.36 -2.66
N GLY A 46 12.77 -8.30 -3.48
CA GLY A 46 12.42 -8.32 -4.89
C GLY A 46 11.64 -9.48 -5.49
N LEU A 47 12.44 -10.40 -6.14
CA LEU A 47 11.87 -11.68 -6.54
C LEU A 47 11.14 -12.27 -5.35
N GLY A 48 11.86 -12.43 -4.25
CA GLY A 48 11.33 -13.10 -3.09
C GLY A 48 10.47 -12.35 -2.11
N LEU A 49 10.09 -11.13 -2.45
CA LEU A 49 9.15 -10.33 -1.62
C LEU A 49 7.81 -11.05 -1.33
N PRO A 50 7.18 -11.74 -2.33
CA PRO A 50 5.97 -12.49 -1.93
C PRO A 50 6.23 -13.42 -0.69
N ALA A 51 7.34 -14.14 -0.73
CA ALA A 51 7.73 -15.06 0.35
C ALA A 51 8.02 -14.36 1.68
N THR A 52 8.57 -13.16 1.58
CA THR A 52 8.83 -12.32 2.74
C THR A 52 7.51 -11.94 3.37
N LEU A 53 6.52 -11.70 2.51
CA LEU A 53 5.20 -11.26 2.98
C LEU A 53 4.43 -12.40 3.62
N VAL A 54 4.61 -13.61 3.08
CA VAL A 54 4.07 -14.82 3.71
C VAL A 54 4.49 -14.90 5.18
N THR A 55 5.80 -14.72 5.41
CA THR A 55 6.35 -14.76 6.72
C THR A 55 5.86 -13.55 7.55
N ALA A 56 5.68 -12.38 6.94
CA ALA A 56 5.09 -11.22 7.67
C ALA A 56 3.76 -11.50 8.33
N LEU A 57 2.98 -12.38 7.69
CA LEU A 57 1.65 -12.77 8.15
C LEU A 57 1.62 -14.00 9.07
N LEU A 58 2.41 -15.06 8.74
CA LEU A 58 2.30 -16.39 9.36
C LEU A 58 3.59 -16.82 10.07
N GLY A 59 4.63 -15.99 9.93
CA GLY A 59 5.96 -16.24 10.48
C GLY A 59 6.48 -17.53 9.94
N GLY A 60 7.26 -18.25 10.75
CA GLY A 60 7.65 -19.63 10.39
C GLY A 60 8.00 -20.43 11.65
N THR A 61 8.94 -21.36 11.49
CA THR A 61 9.47 -22.18 12.58
C THR A 61 10.23 -21.36 13.60
N ASP A 62 10.75 -20.24 13.17
CA ASP A 62 11.52 -19.37 14.01
C ASP A 62 11.10 -17.93 14.21
N SER A 63 9.90 -17.60 13.82
CA SER A 63 9.37 -16.27 13.88
C SER A 63 7.85 -16.26 13.95
N GLN A 64 7.29 -15.19 14.47
CA GLN A 64 5.87 -15.06 14.48
C GLN A 64 5.52 -13.79 13.69
N GLY A 65 4.68 -13.94 12.66
CA GLY A 65 4.17 -12.77 11.97
C GLY A 65 2.92 -12.26 12.64
N VAL A 66 2.07 -11.65 11.84
CA VAL A 66 0.92 -10.94 12.35
C VAL A 66 -0.20 -11.89 12.92
N ILE A 67 -0.38 -13.07 12.36
CA ILE A 67 -1.44 -13.97 12.80
C ILE A 67 -1.08 -14.70 14.12
N PRO A 68 -1.94 -14.60 15.18
CA PRO A 68 -1.57 -15.26 16.44
C PRO A 68 -1.95 -16.75 16.48
N GLY A 69 -1.42 -17.47 17.46
CA GLY A 69 -1.75 -18.88 17.66
C GLY A 69 -1.40 -19.93 16.61
N ILE A 70 -0.36 -19.71 15.82
CA ILE A 70 0.08 -20.76 14.89
C ILE A 70 1.09 -21.63 15.67
N PRO A 71 0.85 -22.95 15.77
CA PRO A 71 1.60 -23.72 16.79
C PRO A 71 3.12 -23.78 16.60
N TRP A 72 3.54 -23.86 15.33
CA TRP A 72 4.95 -23.98 14.98
C TRP A 72 5.76 -22.65 15.04
N ASN A 73 5.07 -21.52 15.32
CA ASN A 73 5.73 -20.23 15.50
C ASN A 73 6.30 -20.20 16.92
N PRO A 74 7.42 -19.46 17.15
CA PRO A 74 7.75 -19.15 18.52
C PRO A 74 6.76 -18.18 19.16
N ASP A 75 6.73 -18.16 20.49
CA ASP A 75 5.96 -17.18 21.25
C ASP A 75 6.70 -15.85 21.32
N SER A 76 6.59 -15.06 20.24
CA SER A 76 7.44 -13.86 20.06
C SER A 76 7.12 -12.83 21.12
N GLU A 77 5.91 -12.92 21.64
CA GLU A 77 5.42 -11.95 22.57
C GLU A 77 6.12 -12.19 23.89
N LYS A 78 6.21 -13.45 24.32
CA LYS A 78 6.98 -13.83 25.51
C LYS A 78 8.45 -13.52 25.32
N LEU A 79 9.01 -13.72 24.12
CA LEU A 79 10.40 -13.29 23.84
C LEU A 79 10.52 -11.75 24.01
N ALA A 80 9.47 -11.04 23.63
CA ALA A 80 9.49 -9.60 23.75
C ALA A 80 9.52 -9.18 25.24
N LEU A 81 8.72 -9.83 26.08
CA LEU A 81 8.73 -9.59 27.52
C LEU A 81 10.09 -9.98 28.14
N ASP A 82 10.58 -11.19 27.83
CA ASP A 82 11.94 -11.63 28.25
C ASP A 82 13.03 -10.64 27.85
N ALA A 83 12.92 -10.11 26.63
CA ALA A 83 13.91 -9.14 26.17
C ALA A 83 13.93 -7.87 27.01
N VAL A 84 12.75 -7.29 27.29
CA VAL A 84 12.66 -6.01 28.05
C VAL A 84 13.13 -6.13 29.52
N LYS A 85 12.78 -7.26 30.13
CA LYS A 85 13.30 -7.64 31.45
C LYS A 85 14.83 -7.79 31.43
N LYS A 86 15.39 -8.49 30.43
CA LYS A 86 16.87 -8.59 30.31
C LYS A 86 17.54 -7.20 30.29
N ALA A 87 16.82 -6.23 29.77
CA ALA A 87 17.24 -4.84 29.70
C ALA A 87 17.03 -4.10 31.05
N GLY A 88 16.27 -4.73 31.94
CA GLY A 88 16.10 -4.24 33.29
C GLY A 88 14.75 -3.70 33.61
N TRP A 89 13.74 -3.99 32.76
CA TRP A 89 12.42 -3.35 32.81
C TRP A 89 11.30 -4.33 33.11
N THR A 90 10.40 -3.97 34.00
CA THR A 90 9.24 -4.83 34.26
C THR A 90 8.00 -3.98 34.18
N PRO A 91 6.98 -4.41 33.40
CA PRO A 91 5.72 -3.62 33.42
C PRO A 91 5.18 -3.29 34.84
N ILE A 92 4.71 -2.06 35.01
CA ILE A 92 4.09 -1.63 36.24
C ILE A 92 2.60 -1.88 36.02
N THR A 93 1.98 -2.62 36.93
CA THR A 93 0.57 -3.01 36.80
C THR A 93 -0.35 -1.81 37.04
N ALA A 94 -1.57 -1.89 36.49
CA ALA A 94 -2.59 -0.88 36.70
C ALA A 94 -2.83 -0.80 38.22
N SER A 95 -2.69 -1.97 38.86
CA SER A 95 -2.86 -2.13 40.29
C SER A 95 -1.85 -1.31 41.12
N GLN A 96 -0.56 -1.36 40.78
CA GLN A 96 0.47 -0.54 41.45
C GLN A 96 0.27 0.99 41.29
N LEU A 97 -0.25 1.42 40.13
CA LEU A 97 -0.51 2.85 39.89
C LEU A 97 -1.89 3.28 40.42
N GLY A 98 -2.75 2.34 40.76
CA GLY A 98 -4.11 2.69 41.15
C GLY A 98 -4.85 3.31 39.96
N TYR A 99 -4.67 2.71 38.79
CA TYR A 99 -5.25 3.19 37.54
C TYR A 99 -6.53 2.44 37.26
N ASP A 100 -7.60 3.21 37.04
CA ASP A 100 -8.92 2.67 36.80
C ASP A 100 -9.29 2.62 35.32
N GLY A 101 -8.29 2.74 34.44
CA GLY A 101 -8.55 2.74 32.99
C GLY A 101 -8.33 1.35 32.41
N LYS A 102 -8.36 1.24 31.08
CA LYS A 102 -8.26 -0.04 30.40
C LYS A 102 -6.81 -0.48 30.30
N THR A 103 -6.61 -1.74 30.59
CA THR A 103 -5.40 -2.47 30.24
C THR A 103 -5.82 -3.75 29.55
N ASP A 104 -4.93 -4.43 28.81
CA ASP A 104 -5.22 -5.81 28.38
C ASP A 104 -4.45 -6.85 29.20
N ALA A 105 -4.65 -8.12 28.83
CA ALA A 105 -4.02 -9.22 29.56
C ALA A 105 -2.48 -9.08 29.77
N ARG A 106 -1.81 -8.36 28.86
CA ARG A 106 -0.33 -8.16 28.87
C ARG A 106 0.08 -7.02 29.79
N GLY A 107 -0.91 -6.28 30.33
CA GLY A 107 -0.63 -5.09 31.14
C GLY A 107 -0.42 -3.83 30.31
N THR A 108 -0.66 -3.89 28.98
CA THR A 108 -0.65 -2.70 28.10
C THR A 108 -1.82 -1.71 28.42
N PHE A 109 -1.49 -0.43 28.61
CA PHE A 109 -2.50 0.61 28.91
C PHE A 109 -3.08 1.20 27.61
N PHE A 110 -4.38 1.53 27.62
CA PHE A 110 -5.10 1.89 26.39
C PHE A 110 -5.63 3.32 26.48
N GLY A 111 -5.69 4.05 25.37
CA GLY A 111 -6.06 5.48 25.42
C GLY A 111 -7.42 5.71 26.06
N GLU A 112 -7.60 6.86 26.70
CA GLU A 112 -8.73 7.11 27.61
C GLU A 112 -10.03 7.71 27.01
N LYS A 113 -9.97 8.26 25.79
CA LYS A 113 -11.07 9.04 25.25
C LYS A 113 -11.45 8.60 23.87
N ALA A 114 -12.67 8.94 23.50
CA ALA A 114 -13.19 8.67 22.19
C ALA A 114 -12.23 9.31 21.20
N GLY A 115 -11.89 8.52 20.18
CA GLY A 115 -10.90 8.92 19.17
C GLY A 115 -9.44 8.60 19.49
N TYR A 116 -9.20 8.11 20.69
CA TYR A 116 -7.86 7.78 21.20
C TYR A 116 -7.86 6.36 21.82
N THR A 117 -8.90 5.56 21.58
CA THR A 117 -9.05 4.27 22.27
C THR A 117 -8.15 3.15 21.73
N THR A 118 -7.65 3.36 20.51
CA THR A 118 -6.66 2.50 19.92
C THR A 118 -5.21 2.95 20.24
N ALA A 119 -5.02 4.00 21.07
CA ALA A 119 -3.69 4.29 21.60
C ALA A 119 -3.19 3.24 22.62
N GLN A 120 -1.88 2.96 22.64
CA GLN A 120 -1.30 2.03 23.58
C GLN A 120 -0.01 2.61 24.19
N VAL A 121 0.23 2.35 25.46
CA VAL A 121 1.48 2.73 26.09
C VAL A 121 1.84 1.66 27.10
N GLU A 122 3.13 1.51 27.36
CA GLU A 122 3.69 0.61 28.37
C GLU A 122 4.38 1.43 29.45
N ILE A 123 4.07 1.12 30.71
CA ILE A 123 4.72 1.79 31.84
C ILE A 123 5.55 0.67 32.49
N LEU A 124 6.82 0.93 32.71
CA LEU A 124 7.77 -0.12 33.09
C LEU A 124 8.67 0.42 34.18
N GLY A 125 9.11 -0.46 35.07
CA GLY A 125 10.03 -0.11 36.13
C GLY A 125 11.39 -0.76 36.07
N LYS A 126 12.35 -0.06 36.61
CA LYS A 126 13.69 -0.59 36.77
C LYS A 126 13.90 -0.61 38.27
N TYR A 127 14.26 -1.77 38.81
CA TYR A 127 14.38 -1.94 40.25
C TYR A 127 15.80 -2.36 40.55
N ASP A 128 16.38 -1.91 41.67
CA ASP A 128 17.73 -2.36 42.06
C ASP A 128 17.76 -3.71 42.81
N ALA A 129 18.89 -4.01 43.47
CA ALA A 129 19.18 -5.34 44.05
C ALA A 129 18.30 -5.62 45.27
N GLN A 130 18.19 -4.59 46.11
CA GLN A 130 17.27 -4.56 47.24
C GLN A 130 15.82 -4.32 46.79
N GLY A 131 15.61 -4.18 45.48
CA GLY A 131 14.26 -4.10 44.88
C GLY A 131 13.53 -2.76 45.02
N HIS A 132 14.27 -1.67 45.09
CA HIS A 132 13.61 -0.38 45.10
C HIS A 132 13.47 0.07 43.65
N LEU A 133 12.41 0.84 43.35
CA LEU A 133 12.26 1.47 42.04
C LEU A 133 13.35 2.53 41.82
N THR A 134 14.03 2.48 40.69
CA THR A 134 15.10 3.44 40.37
C THR A 134 14.79 4.33 39.13
N GLU A 135 13.79 3.92 38.35
CA GLU A 135 13.55 4.50 37.03
C GLU A 135 12.20 4.00 36.54
N ILE A 136 11.44 4.89 35.87
CA ILE A 136 10.23 4.56 35.13
C ILE A 136 10.45 4.70 33.61
N GLY A 137 9.93 3.73 32.83
CA GLY A 137 9.95 3.76 31.35
C GLY A 137 8.54 3.95 30.81
N ILE A 138 8.38 4.90 29.89
CA ILE A 138 7.10 5.16 29.25
C ILE A 138 7.27 4.99 27.70
N ALA A 139 6.78 3.88 27.15
CA ALA A 139 6.92 3.57 25.74
C ALA A 139 5.55 3.60 25.08
N PHE A 140 5.35 4.55 24.16
CA PHE A 140 4.08 4.72 23.47
C PHE A 140 4.18 3.84 22.24
N ARG A 141 3.19 2.98 21.98
CA ARG A 141 3.20 2.08 20.80
C ARG A 141 2.95 2.89 19.54
N GLY A 142 3.71 2.63 18.45
CA GLY A 142 3.41 3.23 17.15
C GLY A 142 2.12 2.74 16.47
N THR A 143 1.90 3.08 15.21
CA THR A 143 0.73 2.54 14.52
C THR A 143 0.73 1.00 14.55
N SER A 144 -0.46 0.41 14.76
CA SER A 144 -0.73 -1.02 15.03
C SER A 144 -1.23 -1.21 16.47
N GLY A 145 -1.84 -2.34 16.75
CA GLY A 145 -2.17 -2.71 18.10
C GLY A 145 -2.07 -4.22 18.30
N PRO A 146 -2.66 -4.72 19.40
CA PRO A 146 -2.55 -6.15 19.73
C PRO A 146 -2.94 -7.05 18.55
N ARG A 147 -2.23 -8.19 18.38
CA ARG A 147 -2.53 -9.12 17.30
C ARG A 147 -4.02 -9.52 17.18
N GLU A 148 -4.69 -9.66 18.34
CA GLU A 148 -6.16 -9.91 18.46
C GLU A 148 -7.10 -8.93 17.71
N ASN A 149 -6.68 -7.67 17.63
CA ASN A 149 -7.55 -6.61 17.10
C ASN A 149 -6.80 -5.68 16.17
N LEU A 150 -5.95 -6.29 15.34
CA LEU A 150 -4.93 -5.58 14.62
C LEU A 150 -5.49 -4.60 13.61
N ILE A 151 -6.41 -5.05 12.76
CA ILE A 151 -6.90 -4.26 11.62
C ILE A 151 -7.68 -3.06 12.14
N LEU A 152 -8.67 -3.33 12.99
CA LEU A 152 -9.55 -2.35 13.59
C LEU A 152 -8.73 -1.35 14.41
N ASP A 153 -7.80 -1.88 15.23
CA ASP A 153 -6.90 -1.03 16.01
C ASP A 153 -6.00 -0.14 15.12
N SER A 154 -5.46 -0.69 14.04
CA SER A 154 -4.71 0.07 13.09
C SER A 154 -5.50 1.17 12.37
N ILE A 155 -6.76 0.89 12.05
CA ILE A 155 -7.62 1.89 11.42
C ILE A 155 -7.78 3.10 12.37
N GLY A 156 -8.06 2.85 13.65
CA GLY A 156 -8.06 3.94 14.64
C GLY A 156 -6.79 4.74 14.63
N ASP A 157 -5.65 4.07 14.71
CA ASP A 157 -4.37 4.78 14.69
C ASP A 157 -4.18 5.67 13.43
N VAL A 158 -4.57 5.17 12.27
CA VAL A 158 -4.41 5.92 10.99
C VAL A 158 -5.26 7.20 10.93
N ILE A 159 -6.46 7.15 11.50
CA ILE A 159 -7.24 8.40 11.64
C ILE A 159 -6.48 9.42 12.50
N ASN A 160 -5.90 8.91 13.60
CA ASN A 160 -5.09 9.73 14.51
C ASN A 160 -3.87 10.31 13.69
N ASP A 161 -3.15 9.43 12.97
CA ASP A 161 -2.03 9.85 12.08
C ASP A 161 -2.48 10.93 11.11
N LEU A 162 -3.63 10.74 10.47
CA LEU A 162 -4.07 11.69 9.47
C LEU A 162 -4.44 13.03 10.14
N LEU A 163 -4.95 12.97 11.37
CA LEU A 163 -5.36 14.16 12.09
C LEU A 163 -4.12 14.97 12.48
N ALA A 164 -3.01 14.27 12.70
CA ALA A 164 -1.70 14.90 13.00
C ALA A 164 -1.26 15.80 11.85
N ALA A 165 -1.58 15.39 10.63
CA ALA A 165 -1.16 16.08 9.45
C ALA A 165 -2.25 17.10 9.02
N PHE A 166 -3.52 16.74 9.21
CA PHE A 166 -4.62 17.45 8.56
C PHE A 166 -5.71 18.00 9.52
N GLY A 167 -5.54 17.86 10.84
CA GLY A 167 -6.63 18.21 11.76
C GLY A 167 -6.38 19.50 12.53
N PRO A 168 -6.87 19.59 13.80
CA PRO A 168 -6.54 20.77 14.57
C PRO A 168 -5.01 21.00 14.55
N LYS A 169 -4.61 22.26 14.49
CA LYS A 169 -3.20 22.61 14.40
C LYS A 169 -2.32 21.96 15.53
N ASP A 170 -2.86 21.90 16.76
CA ASP A 170 -2.15 21.25 17.90
C ASP A 170 -2.54 19.79 18.13
N TYR A 171 -3.16 19.15 17.13
CA TYR A 171 -3.63 17.78 17.35
C TYR A 171 -2.47 16.88 17.86
N ALA A 172 -1.35 16.87 17.13
CA ALA A 172 -0.21 16.01 17.52
C ALA A 172 0.35 16.37 18.92
N LYS A 173 0.57 17.66 19.18
CA LYS A 173 0.97 18.18 20.49
C LYS A 173 0.10 17.67 21.68
N ASN A 174 -1.23 17.65 21.47
CA ASN A 174 -2.19 17.22 22.50
C ASN A 174 -2.51 15.73 22.52
N TYR A 175 -2.04 14.99 21.52
CA TYR A 175 -2.27 13.52 21.51
C TYR A 175 -2.11 12.88 22.90
N VAL A 176 -0.96 13.03 23.56
CA VAL A 176 -0.76 12.31 24.85
C VAL A 176 -1.68 12.82 25.99
N GLY A 177 -1.98 14.12 25.98
CA GLY A 177 -2.96 14.71 26.90
C GLY A 177 -4.32 14.08 26.75
N GLU A 178 -4.82 14.02 25.52
CA GLU A 178 -6.10 13.39 25.24
C GLU A 178 -6.12 11.87 25.45
N ALA A 179 -5.04 11.20 25.08
CA ALA A 179 -4.98 9.74 25.21
C ALA A 179 -4.67 9.26 26.63
N PHE A 180 -3.71 9.87 27.32
CA PHE A 180 -3.24 9.30 28.60
C PHE A 180 -3.06 10.35 29.70
N GLY A 181 -3.84 11.44 29.65
CA GLY A 181 -3.75 12.47 30.67
C GLY A 181 -3.88 11.95 32.10
N ASN A 182 -4.90 11.11 32.31
CA ASN A 182 -5.19 10.47 33.60
C ASN A 182 -4.08 9.50 34.03
N LEU A 183 -3.76 8.54 33.16
CA LEU A 183 -2.67 7.58 33.43
C LEU A 183 -1.41 8.31 33.90
N LEU A 184 -1.10 9.41 33.25
CA LEU A 184 0.12 10.14 33.61
C LEU A 184 0.07 10.81 34.97
N ASN A 185 -1.12 11.27 35.41
CA ASN A 185 -1.25 11.81 36.82
C ASN A 185 -1.00 10.76 37.86
N ASP A 186 -1.54 9.57 37.59
CA ASP A 186 -1.29 8.40 38.40
C ASP A 186 0.19 7.99 38.32
N VAL A 187 0.82 8.13 37.15
CA VAL A 187 2.29 7.93 37.07
C VAL A 187 3.11 8.93 37.94
N VAL A 188 2.81 10.23 37.86
CA VAL A 188 3.42 11.25 38.73
C VAL A 188 3.31 10.90 40.21
N ALA A 189 2.14 10.40 40.63
CA ALA A 189 1.88 10.02 42.03
C ALA A 189 2.71 8.82 42.39
N PHE A 190 2.86 7.92 41.43
CA PHE A 190 3.54 6.68 41.70
C PHE A 190 5.04 6.91 41.88
N ALA A 191 5.58 7.80 41.06
CA ALA A 191 6.99 8.11 41.12
C ALA A 191 7.30 8.77 42.46
N LYS A 192 6.48 9.78 42.82
CA LYS A 192 6.61 10.51 44.09
C LYS A 192 6.66 9.51 45.24
N ALA A 193 5.63 8.66 45.32
CA ALA A 193 5.55 7.62 46.32
C ALA A 193 6.79 6.69 46.34
N ASN A 194 7.55 6.66 45.26
CA ASN A 194 8.79 5.86 45.29
C ASN A 194 10.07 6.70 45.37
N GLY A 195 9.91 8.01 45.56
CA GLY A 195 11.05 8.92 45.75
C GLY A 195 11.73 9.38 44.48
N LEU A 196 11.01 9.23 43.37
CA LEU A 196 11.52 9.57 42.05
C LEU A 196 10.99 10.93 41.58
N SER A 197 11.82 11.67 40.85
CA SER A 197 11.39 12.92 40.21
C SER A 197 11.36 12.75 38.67
N GLY A 198 11.27 13.86 37.96
CA GLY A 198 11.11 13.83 36.50
C GLY A 198 12.34 13.31 35.80
N LYS A 199 13.51 13.60 36.36
CA LYS A 199 14.81 13.12 35.84
C LYS A 199 14.93 11.57 35.82
N ASP A 200 14.05 10.87 36.53
CA ASP A 200 14.09 9.39 36.64
C ASP A 200 13.14 8.71 35.69
N VAL A 201 12.65 9.49 34.71
CA VAL A 201 11.64 8.99 33.75
C VAL A 201 12.21 9.03 32.32
N LEU A 202 12.21 7.88 31.67
CA LEU A 202 12.61 7.82 30.26
C LEU A 202 11.34 7.64 29.46
N VAL A 203 11.13 8.52 28.47
CA VAL A 203 10.00 8.41 27.50
C VAL A 203 10.44 7.99 26.07
N SER A 204 9.95 6.88 25.56
CA SER A 204 10.27 6.51 24.19
C SER A 204 9.08 6.00 23.37
N GLY A 205 9.36 5.60 22.12
CA GLY A 205 8.36 5.06 21.22
C GLY A 205 8.80 5.35 19.81
N HIS A 206 8.15 4.70 18.85
CA HIS A 206 8.49 4.67 17.44
C HIS A 206 7.25 5.10 16.61
N SER A 207 7.44 5.88 15.54
CA SER A 207 6.38 6.22 14.57
C SER A 207 5.32 7.04 15.29
N LEU A 208 4.05 6.60 15.27
CA LEU A 208 3.01 7.28 16.04
C LEU A 208 3.40 7.43 17.50
N GLY A 209 4.19 6.48 18.02
CA GLY A 209 4.61 6.55 19.40
C GLY A 209 5.80 7.51 19.55
N GLY A 210 6.55 7.72 18.46
CA GLY A 210 7.57 8.81 18.41
C GLY A 210 6.86 10.17 18.43
N LEU A 211 5.68 10.24 17.76
CA LEU A 211 4.82 11.46 17.81
C LEU A 211 4.38 11.76 19.25
N ALA A 212 3.96 10.70 19.94
CA ALA A 212 3.55 10.72 21.33
C ALA A 212 4.69 11.24 22.23
N VAL A 213 5.90 10.74 22.02
CA VAL A 213 7.08 11.24 22.74
C VAL A 213 7.22 12.76 22.68
N ASN A 214 7.08 13.29 21.47
CA ASN A 214 7.23 14.70 21.22
C ASN A 214 6.02 15.44 21.79
N SER A 215 4.84 14.78 21.74
CA SER A 215 3.61 15.35 22.32
C SER A 215 3.78 15.61 23.81
N MET A 216 4.20 14.57 24.54
CA MET A 216 4.44 14.65 25.97
C MET A 216 5.52 15.67 26.29
N ALA A 217 6.54 15.75 25.48
CA ALA A 217 7.55 16.77 25.72
C ALA A 217 6.92 18.20 25.62
N ASP A 218 6.14 18.43 24.56
CA ASP A 218 5.40 19.70 24.38
C ASP A 218 4.48 20.05 25.54
N LEU A 219 3.80 19.04 26.09
CA LEU A 219 2.85 19.19 27.20
C LEU A 219 3.52 19.22 28.58
N SER A 220 4.76 18.75 28.69
CA SER A 220 5.45 18.52 29.99
C SER A 220 5.70 19.73 30.89
N GLY A 221 5.81 20.91 30.28
CA GLY A 221 5.97 22.17 31.02
C GLY A 221 4.67 22.59 31.75
N GLY A 222 3.51 22.22 31.21
CA GLY A 222 2.28 22.81 31.68
C GLY A 222 1.41 21.84 32.42
N LYS A 223 1.41 20.60 31.95
CA LYS A 223 0.55 19.55 32.46
C LYS A 223 1.31 18.71 33.47
N TRP A 224 0.55 17.88 34.19
CA TRP A 224 1.06 16.98 35.23
C TRP A 224 1.89 17.76 36.25
N GLY A 225 1.54 19.03 36.42
CA GLY A 225 2.19 19.88 37.42
C GLY A 225 3.65 20.16 37.10
N GLY A 226 4.03 20.02 35.82
CA GLY A 226 5.41 20.20 35.36
C GLY A 226 6.36 19.06 35.73
N PHE A 227 5.81 17.99 36.29
CA PHE A 227 6.64 16.91 36.79
C PHE A 227 7.55 16.34 35.70
N PHE A 228 7.05 16.19 34.47
CA PHE A 228 7.86 15.52 33.41
C PHE A 228 8.78 16.43 32.61
N ALA A 229 8.86 17.71 32.99
CA ALA A 229 9.59 18.72 32.23
C ALA A 229 11.04 18.33 32.02
N ASP A 230 11.68 17.74 33.02
CA ASP A 230 13.12 17.39 32.91
C ASP A 230 13.32 15.90 32.73
N SER A 231 12.29 15.26 32.20
CA SER A 231 12.34 13.85 31.85
C SER A 231 13.20 13.65 30.58
N ASN A 232 13.43 12.39 30.22
CA ASN A 232 14.31 12.01 29.10
C ASN A 232 13.43 11.51 27.97
N TYR A 233 13.54 12.17 26.81
CA TYR A 233 12.66 11.92 25.64
C TYR A 233 13.55 11.54 24.47
N ILE A 234 13.47 10.28 24.08
CA ILE A 234 14.13 9.79 22.89
C ILE A 234 13.07 9.13 22.03
N ALA A 235 12.84 9.67 20.84
CA ALA A 235 11.78 9.25 19.91
C ALA A 235 12.38 8.69 18.64
N TYR A 236 11.81 7.60 18.13
CA TYR A 236 12.26 6.95 16.93
C TYR A 236 11.28 7.10 15.81
N ALA A 237 11.77 7.53 14.65
CA ALA A 237 10.92 7.53 13.43
C ALA A 237 9.64 8.33 13.59
N SER A 238 9.68 9.41 14.36
CA SER A 238 8.52 10.27 14.54
C SER A 238 8.28 11.10 13.31
N PRO A 239 7.02 11.22 12.89
CA PRO A 239 6.78 12.18 11.81
C PRO A 239 6.93 13.66 12.23
N THR A 240 6.80 13.93 13.53
CA THR A 240 6.75 15.30 14.06
C THR A 240 7.97 15.54 14.94
N GLN A 241 8.26 16.81 15.20
CA GLN A 241 9.25 17.21 16.21
C GLN A 241 8.60 18.27 17.11
N SER A 242 8.79 18.10 18.42
CA SER A 242 8.30 19.01 19.41
C SER A 242 8.92 20.42 19.22
N SER A 243 8.23 21.45 19.70
CA SER A 243 8.78 22.81 19.74
C SER A 243 9.78 23.03 20.90
N THR A 244 9.98 22.03 21.74
CA THR A 244 10.86 22.20 22.87
C THR A 244 12.25 21.79 22.36
N ASP A 245 13.26 21.89 23.25
CA ASP A 245 14.61 21.37 23.00
C ASP A 245 14.86 20.07 23.78
N LYS A 246 13.78 19.37 24.12
CA LYS A 246 13.80 18.25 25.09
C LYS A 246 13.97 16.82 24.48
N VAL A 247 13.79 16.73 23.15
CA VAL A 247 13.57 15.44 22.49
C VAL A 247 14.72 15.11 21.55
N LEU A 248 15.22 13.89 21.62
CA LEU A 248 16.15 13.41 20.63
C LEU A 248 15.32 12.59 19.65
N ASN A 249 15.32 13.05 18.42
CA ASN A 249 14.49 12.45 17.42
C ASN A 249 15.43 11.66 16.49
N VAL A 250 15.45 10.35 16.66
CA VAL A 250 16.32 9.43 15.95
C VAL A 250 15.55 8.74 14.81
N GLY A 251 16.17 8.64 13.63
CA GLY A 251 15.57 7.85 12.59
C GLY A 251 16.55 7.71 11.47
N TYR A 252 16.17 6.86 10.53
CA TYR A 252 16.87 6.65 9.25
C TYR A 252 16.40 7.70 8.23
N GLU A 253 17.35 8.32 7.55
CA GLU A 253 16.97 9.40 6.66
C GLU A 253 16.08 8.84 5.52
N ASN A 254 16.19 7.53 5.21
CA ASN A 254 15.35 6.87 4.19
C ASN A 254 14.08 6.22 4.73
N ASP A 255 13.79 6.47 6.00
CA ASP A 255 12.50 6.10 6.52
C ASP A 255 11.58 7.30 6.15
N PRO A 256 10.60 7.06 5.26
CA PRO A 256 9.74 8.18 4.76
C PRO A 256 8.76 8.74 5.84
N VAL A 257 8.62 8.05 6.96
CA VAL A 257 7.73 8.51 8.05
C VAL A 257 8.50 9.55 8.82
N PHE A 258 9.84 9.36 8.89
CA PHE A 258 10.68 10.14 9.83
C PHE A 258 10.81 11.59 9.36
N ARG A 259 10.33 12.51 10.21
CA ARG A 259 10.34 13.95 9.90
C ARG A 259 9.39 14.34 8.74
N ALA A 260 8.39 13.48 8.48
CA ALA A 260 7.42 13.67 7.42
C ALA A 260 6.76 15.03 7.55
N LEU A 261 6.55 15.43 8.79
CA LEU A 261 5.97 16.73 9.11
C LEU A 261 7.07 17.64 9.65
N ASP A 262 6.83 18.94 9.59
CA ASP A 262 7.83 19.93 9.96
C ASP A 262 7.28 20.92 11.01
N GLY A 263 7.69 20.83 12.25
CA GLY A 263 7.48 19.75 13.15
C GLY A 263 6.17 19.13 13.41
N SER A 264 5.06 19.82 13.20
CA SER A 264 3.89 19.14 12.75
C SER A 264 3.08 19.60 11.57
N THR A 265 3.70 20.38 10.71
CA THR A 265 3.07 20.92 9.55
C THR A 265 3.19 20.03 8.32
N PHE A 266 2.07 19.83 7.65
CA PHE A 266 2.08 19.14 6.39
C PHE A 266 2.59 20.08 5.34
N THR A 267 3.59 19.65 4.57
CA THR A 267 4.19 20.52 3.55
C THR A 267 4.25 19.78 2.23
N GLY A 268 4.64 20.47 1.16
CA GLY A 268 4.80 19.77 -0.12
C GLY A 268 5.81 18.62 -0.02
N ALA A 269 6.92 18.87 0.66
CA ALA A 269 7.92 17.83 1.04
C ALA A 269 7.39 16.57 1.72
N SER A 270 6.32 16.70 2.50
CA SER A 270 5.72 15.60 3.30
C SER A 270 5.47 14.28 2.55
N VAL A 271 5.06 14.39 1.31
CA VAL A 271 4.78 13.22 0.45
C VAL A 271 5.93 12.93 -0.51
N GLY A 272 7.09 13.56 -0.26
CA GLY A 272 8.29 13.26 -1.04
C GLY A 272 9.46 13.01 -0.14
N VAL A 273 10.61 13.57 -0.54
CA VAL A 273 11.77 13.58 0.30
C VAL A 273 11.69 14.79 1.24
N HIS A 274 11.81 14.54 2.54
CA HIS A 274 11.75 15.59 3.52
C HIS A 274 12.99 15.51 4.42
N ASP A 275 14.14 15.84 3.82
CA ASP A 275 15.44 15.57 4.49
C ASP A 275 16.17 16.87 4.94
N ALA A 276 15.45 17.98 5.10
CA ALA A 276 16.05 19.24 5.57
C ALA A 276 16.68 19.06 6.96
N PRO A 277 17.79 19.79 7.26
CA PRO A 277 18.40 19.69 8.60
C PRO A 277 17.46 20.13 9.72
N LYS A 278 17.42 19.37 10.79
CA LYS A 278 16.53 19.65 11.91
C LYS A 278 17.29 19.51 13.20
N GLU A 279 17.30 20.58 13.98
CA GLU A 279 18.01 20.67 15.23
C GLU A 279 17.85 19.44 16.16
N SER A 280 16.62 18.94 16.29
CA SER A 280 16.32 17.85 17.22
C SER A 280 16.68 16.43 16.72
N ALA A 281 16.88 16.32 15.39
CA ALA A 281 17.02 15.07 14.69
C ALA A 281 18.44 14.69 14.32
N THR A 282 18.68 13.37 14.31
CA THR A 282 19.81 12.79 13.59
C THR A 282 19.47 12.82 12.08
N ASP A 283 20.20 13.63 11.32
CA ASP A 283 19.83 13.92 9.97
C ASP A 283 20.30 12.91 8.95
N ASN A 284 21.33 12.12 9.24
CA ASN A 284 22.10 11.51 8.15
C ASN A 284 22.42 9.99 8.31
N ILE A 285 21.48 9.25 8.91
CA ILE A 285 21.63 7.83 9.13
C ILE A 285 20.85 7.04 8.08
N VAL A 286 21.55 6.22 7.30
CA VAL A 286 20.94 5.48 6.17
C VAL A 286 20.77 3.99 6.57
N SER A 287 19.58 3.41 6.37
CA SER A 287 19.44 1.97 6.53
C SER A 287 19.73 1.39 5.15
N PHE A 288 20.91 0.82 4.96
CA PHE A 288 21.24 0.26 3.66
C PHE A 288 20.57 -1.15 3.58
N ASN A 289 19.28 -1.13 3.18
CA ASN A 289 18.49 -2.33 3.07
C ASN A 289 18.29 -2.59 1.55
N ASP A 290 17.60 -3.66 1.20
CA ASP A 290 17.50 -4.11 -0.20
C ASP A 290 16.76 -3.12 -1.03
N HIS A 291 15.83 -2.40 -0.39
CA HIS A 291 15.10 -1.35 -1.10
C HIS A 291 16.01 -0.18 -1.48
N TYR A 292 16.68 0.41 -0.46
CA TYR A 292 17.65 1.45 -0.69
C TYR A 292 18.71 1.11 -1.76
N ALA A 293 19.14 -0.14 -1.78
CA ALA A 293 20.21 -0.59 -2.68
C ALA A 293 19.69 -0.83 -4.10
N SER A 294 18.37 -1.04 -4.23
CA SER A 294 17.80 -1.46 -5.48
C SER A 294 17.66 -0.32 -6.47
N THR A 295 18.20 -0.54 -7.66
CA THR A 295 18.04 0.40 -8.80
C THR A 295 16.56 0.36 -9.30
N ALA A 296 16.04 -0.85 -9.54
CA ALA A 296 14.61 -1.07 -9.86
C ALA A 296 13.64 -0.34 -8.93
N TRP A 297 13.76 -0.57 -7.62
CA TRP A 297 12.82 -0.02 -6.66
C TRP A 297 12.84 1.49 -6.75
N ASN A 298 14.01 2.06 -6.97
CA ASN A 298 14.14 3.50 -6.92
C ASN A 298 13.87 4.25 -8.23
N LEU A 299 13.42 3.50 -9.24
CA LEU A 299 12.76 4.06 -10.42
C LEU A 299 11.37 4.57 -10.00
N LEU A 300 10.92 4.18 -8.81
CA LEU A 300 9.68 4.72 -8.24
C LEU A 300 9.97 5.88 -7.30
N PRO A 301 9.03 6.87 -7.22
CA PRO A 301 9.26 8.05 -6.39
C PRO A 301 9.32 7.72 -4.89
N PHE A 302 10.34 8.27 -4.22
CA PHE A 302 10.42 8.19 -2.77
C PHE A 302 9.24 8.97 -2.19
N SER A 303 8.42 8.29 -1.40
CA SER A 303 7.23 8.86 -0.83
C SER A 303 6.63 7.98 0.26
N ILE A 304 6.12 8.59 1.34
CA ILE A 304 5.38 7.90 2.39
C ILE A 304 4.13 7.20 1.77
N LEU A 305 3.70 7.72 0.61
CA LEU A 305 2.59 7.17 -0.14
C LEU A 305 2.96 5.88 -0.92
N ASN A 306 4.25 5.60 -1.01
CA ASN A 306 4.75 4.48 -1.80
C ASN A 306 5.11 3.48 -0.74
N ILE A 307 4.18 2.56 -0.50
CA ILE A 307 4.22 1.64 0.66
C ILE A 307 5.51 0.79 0.83
N PRO A 308 6.05 0.19 -0.27
CA PRO A 308 7.35 -0.54 -0.23
C PRO A 308 8.52 0.18 0.45
N THR A 309 8.54 1.52 0.34
CA THR A 309 9.53 2.35 1.02
C THR A 309 9.43 2.25 2.55
N TRP A 310 8.35 1.69 3.08
CA TRP A 310 8.16 1.56 4.56
C TRP A 310 9.04 0.47 5.18
N ILE A 311 9.69 -0.35 4.36
CA ILE A 311 10.69 -1.32 4.87
C ILE A 311 11.69 -0.63 5.82
N SER A 312 12.09 0.59 5.43
CA SER A 312 13.05 1.42 6.20
C SER A 312 12.47 1.98 7.51
N HIS A 313 11.16 1.81 7.68
CA HIS A 313 10.46 2.24 8.88
C HIS A 313 10.39 1.15 9.95
N LEU A 314 10.52 -0.11 9.55
CA LEU A 314 10.21 -1.23 10.46
C LEU A 314 11.14 -1.29 11.71
N PRO A 315 10.54 -1.53 12.88
CA PRO A 315 11.28 -1.30 14.11
C PRO A 315 12.42 -2.31 14.40
N THR A 316 12.32 -3.53 13.88
CA THR A 316 13.38 -4.49 14.15
C THR A 316 14.69 -4.01 13.53
N ALA A 317 14.64 -3.45 12.31
CA ALA A 317 15.88 -2.89 11.72
C ALA A 317 16.36 -1.65 12.44
N TYR A 318 15.44 -0.90 13.04
CA TYR A 318 15.86 0.21 13.91
C TYR A 318 16.74 -0.37 15.05
N GLY A 319 16.20 -1.38 15.76
CA GLY A 319 16.86 -1.97 16.97
C GLY A 319 18.18 -2.67 16.66
N ASP A 320 18.19 -3.40 15.55
CA ASP A 320 19.36 -4.16 15.15
C ASP A 320 20.48 -3.27 14.54
N GLY A 321 20.13 -2.45 13.56
CA GLY A 321 21.06 -1.48 12.97
C GLY A 321 21.56 -0.42 13.96
N MET A 322 20.67 0.21 14.71
CA MET A 322 21.13 1.24 15.67
C MET A 322 21.92 0.71 16.87
N ASN A 323 21.55 -0.45 17.43
CA ASN A 323 22.43 -1.18 18.36
C ASN A 323 23.89 -1.34 17.88
N ARG A 324 24.08 -1.77 16.64
CA ARG A 324 25.42 -1.83 16.08
C ARG A 324 26.11 -0.46 15.93
N ILE A 325 25.35 0.64 15.82
CA ILE A 325 25.98 1.99 15.84
C ILE A 325 26.53 2.24 17.27
N ILE A 326 25.72 1.85 18.28
CA ILE A 326 26.07 1.92 19.73
C ILE A 326 27.32 1.08 20.05
N GLU A 327 27.38 -0.16 19.57
CA GLU A 327 28.53 -1.04 19.79
C GLU A 327 29.82 -0.63 19.04
N SER A 328 29.72 0.36 18.14
CA SER A 328 30.76 0.54 17.12
C SER A 328 32.02 1.15 17.72
N LYS A 329 33.18 0.69 17.25
CA LYS A 329 34.49 1.28 17.61
C LYS A 329 34.61 2.75 17.12
N PHE A 330 33.79 3.13 16.15
CA PHE A 330 33.83 4.49 15.63
C PHE A 330 32.84 5.42 16.39
N TYR A 331 32.11 4.87 17.38
CA TYR A 331 30.97 5.59 17.97
C TYR A 331 31.31 6.99 18.47
N ASP A 332 32.40 7.11 19.24
CA ASP A 332 32.78 8.40 19.77
C ASP A 332 33.33 9.37 18.76
N LEU A 333 33.55 8.90 17.53
CA LEU A 333 33.89 9.84 16.44
C LEU A 333 32.63 10.56 15.95
N THR A 334 31.46 10.00 16.22
CA THR A 334 30.20 10.44 15.58
C THR A 334 29.57 11.60 16.34
N SER A 335 28.74 12.34 15.65
CA SER A 335 27.88 13.31 16.31
C SER A 335 26.54 13.26 15.60
N LYS A 336 25.61 14.05 16.12
CA LYS A 336 24.22 13.96 15.82
C LYS A 336 23.93 13.89 14.33
N ASP A 337 24.68 14.67 13.52
CA ASP A 337 24.47 14.73 12.06
C ASP A 337 25.60 14.05 11.24
N SER A 338 26.37 13.18 11.88
CA SER A 338 27.33 12.33 11.16
C SER A 338 26.59 11.49 10.10
N THR A 339 27.18 11.42 8.89
CA THR A 339 26.67 10.50 7.86
C THR A 339 27.03 9.04 8.26
N ILE A 340 26.03 8.21 8.51
CA ILE A 340 26.31 6.83 8.91
C ILE A 340 25.47 5.86 8.07
N ILE A 341 26.16 4.87 7.49
CA ILE A 341 25.53 3.86 6.62
C ILE A 341 25.52 2.52 7.35
N VAL A 342 24.32 2.02 7.58
CA VAL A 342 24.13 0.84 8.39
C VAL A 342 23.78 -0.34 7.48
N ALA A 343 24.63 -1.36 7.48
CA ALA A 343 24.39 -2.56 6.67
C ALA A 343 23.13 -3.31 7.13
N ASN A 344 22.08 -3.28 6.30
CA ASN A 344 20.82 -3.91 6.65
C ASN A 344 20.23 -4.76 5.48
N LEU A 345 21.08 -5.39 4.71
CA LEU A 345 20.66 -6.19 3.56
C LEU A 345 20.12 -7.58 3.93
N SER A 346 19.32 -8.18 3.06
CA SER A 346 18.88 -9.55 3.31
C SER A 346 20.10 -10.45 3.11
N ASP A 347 19.99 -11.71 3.50
CA ASP A 347 21.02 -12.69 3.17
C ASP A 347 21.37 -12.71 1.67
N PRO A 348 20.37 -12.88 0.75
CA PRO A 348 20.81 -12.95 -0.66
C PRO A 348 21.37 -11.66 -1.25
N ALA A 349 20.81 -10.51 -0.86
CA ALA A 349 21.41 -9.24 -1.31
C ALA A 349 22.81 -9.00 -0.71
N ARG A 350 23.00 -9.42 0.55
CA ARG A 350 24.31 -9.24 1.18
C ARG A 350 25.46 -9.93 0.36
N ALA A 351 25.15 -11.09 -0.21
CA ALA A 351 26.08 -11.84 -1.03
C ALA A 351 26.63 -11.12 -2.26
N ASN A 352 25.97 -10.08 -2.72
CA ASN A 352 26.36 -9.51 -4.01
C ASN A 352 26.16 -8.02 -4.11
N THR A 353 25.92 -7.36 -2.95
CA THR A 353 25.64 -5.95 -2.93
C THR A 353 26.61 -5.23 -2.01
N TRP A 354 27.24 -4.21 -2.58
CA TRP A 354 28.23 -3.39 -1.89
C TRP A 354 27.50 -2.35 -1.06
N VAL A 355 27.76 -2.37 0.23
CA VAL A 355 27.20 -1.39 1.16
C VAL A 355 28.05 -0.16 1.00
N GLN A 356 27.40 0.95 0.66
CA GLN A 356 28.08 2.17 0.24
C GLN A 356 27.08 3.35 0.38
N ASP A 357 27.62 4.56 0.46
CA ASP A 357 26.79 5.73 0.52
C ASP A 357 26.32 6.12 -0.90
N LEU A 358 25.17 5.57 -1.32
CA LEU A 358 24.59 6.03 -2.58
C LEU A 358 24.07 7.49 -2.49
N ASN A 359 23.82 7.99 -1.29
CA ASN A 359 23.22 9.33 -1.12
C ASN A 359 21.82 9.44 -1.81
N ARG A 360 21.15 8.31 -1.91
CA ARG A 360 19.85 8.24 -2.55
C ARG A 360 18.79 9.00 -1.75
N ASN A 361 17.97 9.79 -2.46
CA ASN A 361 16.80 10.41 -1.87
C ASN A 361 17.10 11.16 -0.57
N ALA A 362 18.03 12.08 -0.64
CA ALA A 362 18.52 12.72 0.57
C ALA A 362 19.32 13.93 0.17
N GLU A 363 19.41 14.92 1.07
CA GLU A 363 20.28 16.07 0.82
C GLU A 363 21.76 15.63 0.73
N THR A 364 22.65 16.45 0.18
CA THR A 364 24.04 16.02 -0.12
C THR A 364 24.73 15.77 1.22
N HIS A 365 25.31 14.58 1.38
CA HIS A 365 26.05 14.28 2.61
C HIS A 365 27.39 15.04 2.67
N LYS A 366 27.78 15.57 3.81
CA LYS A 366 29.11 16.25 3.91
C LYS A 366 29.90 15.65 5.05
N GLY A 367 31.21 15.91 5.11
CA GLY A 367 32.08 15.41 6.17
C GLY A 367 32.40 13.92 6.04
N SER A 368 32.94 13.31 7.10
CA SER A 368 33.36 11.91 6.96
C SER A 368 32.14 10.98 6.95
N THR A 369 32.34 9.76 6.47
CA THR A 369 31.25 8.82 6.37
C THR A 369 31.60 7.56 7.17
N PHE A 370 30.64 7.10 7.97
CA PHE A 370 30.81 5.88 8.72
C PHE A 370 29.95 4.75 8.11
N ILE A 371 30.60 3.66 7.72
CA ILE A 371 29.84 2.49 7.24
C ILE A 371 29.97 1.36 8.27
N ILE A 372 28.83 0.90 8.77
CA ILE A 372 28.77 -0.10 9.84
C ILE A 372 28.28 -1.41 9.28
N GLY A 373 29.15 -2.42 9.28
CA GLY A 373 28.83 -3.74 8.73
C GLY A 373 27.93 -4.61 9.58
N SER A 374 27.79 -5.86 9.15
CA SER A 374 26.99 -6.87 9.87
C SER A 374 27.91 -7.92 10.48
N ASP A 375 27.34 -8.76 11.33
CA ASP A 375 28.10 -9.84 11.94
C ASP A 375 28.25 -11.05 10.99
N SER A 376 27.80 -10.87 9.72
CA SER A 376 27.97 -11.85 8.65
C SER A 376 28.98 -11.33 7.62
N ASN A 377 29.27 -12.10 6.55
CA ASN A 377 30.19 -11.67 5.45
C ASN A 377 29.60 -10.48 4.66
N ASP A 378 30.27 -9.35 4.71
CA ASP A 378 29.82 -8.13 4.02
C ASP A 378 30.78 -7.69 2.93
N LEU A 379 30.21 -6.94 1.99
CA LEU A 379 30.92 -6.24 0.98
C LEU A 379 30.73 -4.75 1.28
N ILE A 380 31.81 -4.09 1.68
CA ILE A 380 31.73 -2.67 2.04
C ILE A 380 32.57 -1.78 1.14
N GLN A 381 31.95 -0.73 0.62
CA GLN A 381 32.60 0.12 -0.33
C GLN A 381 32.60 1.58 0.21
N GLY A 382 33.79 2.10 0.60
CA GLY A 382 33.92 3.51 0.94
C GLY A 382 33.95 4.48 -0.24
N GLY A 383 33.72 5.74 0.05
CA GLY A 383 33.68 6.73 -1.00
C GLY A 383 35.08 7.28 -1.28
N SER A 384 35.10 8.29 -2.17
CA SER A 384 36.28 8.98 -2.57
C SER A 384 36.70 10.01 -1.56
N GLY A 385 35.80 10.35 -0.62
CA GLY A 385 36.09 11.22 0.53
C GLY A 385 36.63 10.43 1.71
N ASN A 386 36.47 10.91 2.93
CA ASN A 386 37.06 10.22 4.09
C ASN A 386 36.13 9.24 4.80
N ASP A 387 36.57 7.96 4.98
CA ASP A 387 35.65 6.88 5.42
C ASP A 387 36.10 6.12 6.64
N TYR A 388 35.11 5.69 7.41
CA TYR A 388 35.34 4.81 8.56
C TYR A 388 34.50 3.58 8.34
N LEU A 389 35.19 2.50 7.98
CA LEU A 389 34.53 1.22 7.60
C LEU A 389 34.73 0.15 8.65
N GLU A 390 33.64 -0.42 9.14
CA GLU A 390 33.73 -1.40 10.19
C GLU A 390 33.05 -2.70 9.77
N GLY A 391 33.87 -3.75 9.68
CA GLY A 391 33.43 -5.06 9.22
C GLY A 391 32.60 -5.82 10.24
N ARG A 392 32.93 -5.65 11.53
CA ARG A 392 32.44 -6.50 12.62
C ARG A 392 32.82 -7.97 12.32
N ALA A 393 32.00 -8.93 12.74
CA ALA A 393 32.33 -10.32 12.56
C ALA A 393 32.02 -10.76 11.09
N GLY A 394 32.50 -11.95 10.70
CA GLY A 394 32.33 -12.45 9.33
C GLY A 394 33.54 -12.16 8.46
N ASN A 395 33.63 -12.80 7.32
CA ASN A 395 34.69 -12.56 6.40
C ASN A 395 34.28 -11.42 5.46
N ASP A 396 34.77 -10.22 5.78
CA ASP A 396 34.42 -9.04 5.01
C ASP A 396 35.42 -8.66 3.97
N THR A 397 34.93 -8.04 2.90
CA THR A 397 35.75 -7.51 1.84
C THR A 397 35.50 -6.03 1.74
N PHE A 398 36.57 -5.24 1.75
CA PHE A 398 36.46 -3.78 1.58
C PHE A 398 36.97 -3.27 0.28
N ARG A 399 36.24 -2.30 -0.28
CA ARG A 399 36.79 -1.39 -1.27
C ARG A 399 36.67 0.02 -0.72
N ASP A 400 37.46 0.94 -1.26
CA ASP A 400 37.36 2.35 -0.93
C ASP A 400 37.92 3.19 -2.08
N GLY A 401 37.29 4.35 -2.32
CA GLY A 401 37.61 5.15 -3.50
C GLY A 401 38.72 6.20 -3.41
N GLY A 402 39.32 6.37 -2.25
CA GLY A 402 40.22 7.49 -2.05
C GLY A 402 40.12 8.12 -0.68
N GLY A 403 40.83 9.24 -0.52
CA GLY A 403 40.86 9.99 0.72
C GLY A 403 41.52 9.31 1.87
N TYR A 404 41.04 9.65 3.09
CA TYR A 404 41.69 9.30 4.33
C TYR A 404 40.73 8.47 5.12
N ASN A 405 41.17 7.25 5.48
CA ASN A 405 40.24 6.19 5.93
C ASN A 405 40.74 5.33 7.10
N VAL A 406 39.81 4.85 7.94
CA VAL A 406 40.10 3.80 8.89
C VAL A 406 39.22 2.58 8.54
N ILE A 407 39.88 1.43 8.41
CA ILE A 407 39.22 0.19 7.95
C ILE A 407 39.55 -0.89 8.96
N LEU A 408 38.53 -1.29 9.70
CA LEU A 408 38.65 -2.25 10.77
C LEU A 408 38.02 -3.54 10.32
N GLY A 409 38.86 -4.53 10.07
CA GLY A 409 38.32 -5.81 9.60
C GLY A 409 37.36 -6.51 10.53
N GLY A 410 37.57 -6.34 11.84
CA GLY A 410 36.89 -7.16 12.82
C GLY A 410 37.35 -8.62 12.81
N ALA A 411 36.59 -9.50 13.46
CA ALA A 411 36.81 -10.94 13.44
C ALA A 411 36.69 -11.46 11.98
N GLY A 412 37.00 -12.75 11.75
CA GLY A 412 37.00 -13.33 10.41
C GLY A 412 38.26 -13.09 9.62
N ASN A 413 38.24 -13.57 8.40
CA ASN A 413 39.27 -13.39 7.43
C ASN A 413 38.86 -12.27 6.46
N ASN A 414 39.50 -11.12 6.60
CA ASN A 414 39.04 -9.93 5.94
C ASN A 414 40.02 -9.52 4.86
N THR A 415 39.49 -8.85 3.85
CA THR A 415 40.19 -8.56 2.60
C THR A 415 39.93 -7.13 2.23
N LEU A 416 40.99 -6.45 1.79
CA LEU A 416 40.92 -5.11 1.17
C LEU A 416 41.31 -5.21 -0.30
N ASP A 417 40.34 -4.85 -1.16
CA ASP A 417 40.47 -4.93 -2.57
C ASP A 417 40.83 -3.53 -3.07
N LEU A 418 42.09 -3.33 -3.41
CA LEU A 418 42.52 -2.03 -3.89
C LEU A 418 42.18 -1.75 -5.36
N GLN A 419 41.78 -2.77 -6.12
CA GLN A 419 41.31 -2.58 -7.52
C GLN A 419 42.35 -1.98 -8.51
N LYS A 420 43.61 -1.92 -8.10
CA LYS A 420 44.66 -1.23 -8.88
C LYS A 420 45.95 -2.00 -8.63
N SER A 421 47.01 -1.64 -9.35
CA SER A 421 48.32 -2.26 -9.17
C SER A 421 48.98 -1.91 -7.83
N VAL A 422 49.67 -2.89 -7.28
CA VAL A 422 50.37 -2.78 -6.01
C VAL A 422 51.40 -1.66 -6.08
N ASN A 423 51.95 -1.41 -7.27
CA ASN A 423 52.95 -0.38 -7.47
C ASN A 423 52.45 1.04 -7.33
N THR A 424 51.14 1.25 -7.35
CA THR A 424 50.60 2.61 -7.17
C THR A 424 50.41 2.98 -5.65
N PHE A 425 50.81 2.08 -4.75
CA PHE A 425 50.58 2.29 -3.31
C PHE A 425 51.87 2.15 -2.56
N ASP A 426 51.89 2.69 -1.34
CA ASP A 426 52.94 2.44 -0.39
C ASP A 426 52.32 1.81 0.85
N PHE A 427 53.03 0.85 1.44
CA PHE A 427 52.53 0.13 2.62
C PHE A 427 53.52 0.34 3.76
N ALA A 428 53.02 0.50 4.97
CA ALA A 428 53.85 0.50 6.14
C ALA A 428 53.11 -0.27 7.25
N ASN A 429 53.83 -0.71 8.28
CA ASN A 429 53.25 -1.50 9.32
C ASN A 429 54.03 -1.17 10.58
N ASP A 430 53.33 -0.91 11.67
CA ASP A 430 53.98 -0.39 12.85
C ASP A 430 54.38 -1.55 13.78
N GLY A 431 54.03 -2.77 13.40
CA GLY A 431 54.33 -3.92 14.20
C GLY A 431 53.33 -4.16 15.30
N ALA A 432 52.36 -3.25 15.42
CA ALA A 432 51.34 -3.32 16.50
C ALA A 432 49.91 -3.44 15.93
N GLY A 433 49.78 -4.13 14.81
CA GLY A 433 48.45 -4.43 14.27
C GLY A 433 47.89 -3.45 13.26
N ASN A 434 48.57 -2.30 13.06
CA ASN A 434 48.20 -1.35 12.00
C ASN A 434 48.97 -1.45 10.69
N LEU A 435 48.23 -1.67 9.60
CA LEU A 435 48.73 -1.56 8.25
C LEU A 435 48.28 -0.25 7.64
N TYR A 436 49.25 0.58 7.27
CA TYR A 436 49.00 1.82 6.56
C TYR A 436 49.11 1.61 5.04
N VAL A 437 48.08 2.05 4.35
CA VAL A 437 48.08 2.07 2.90
C VAL A 437 48.02 3.51 2.43
N ARG A 438 49.09 3.95 1.76
CA ARG A 438 49.10 5.24 1.15
C ARG A 438 48.99 5.14 -0.38
N ASP A 439 47.99 5.81 -0.95
CA ASP A 439 47.70 5.71 -2.38
C ASP A 439 48.46 6.77 -3.21
N ALA A 440 48.36 6.71 -4.55
CA ALA A 440 49.17 7.56 -5.42
C ALA A 440 48.87 9.01 -5.22
N ASN A 441 47.76 9.33 -4.53
CA ASN A 441 47.39 10.73 -4.25
C ASN A 441 47.69 11.25 -2.84
N GLY A 442 48.33 10.40 -2.02
CA GLY A 442 48.69 10.77 -0.66
C GLY A 442 47.66 10.38 0.37
N GLY A 443 46.51 9.86 -0.07
CA GLY A 443 45.42 9.47 0.86
C GLY A 443 45.94 8.28 1.64
N ILE A 444 45.72 8.26 2.94
CA ILE A 444 46.20 7.19 3.79
C ILE A 444 45.02 6.45 4.39
N SER A 445 45.06 5.13 4.29
CA SER A 445 44.15 4.20 5.04
C SER A 445 44.86 3.49 6.19
N ILE A 446 44.36 3.66 7.40
CA ILE A 446 44.86 2.86 8.55
C ILE A 446 44.00 1.59 8.68
N THR A 447 44.60 0.42 8.49
CA THR A 447 43.83 -0.82 8.49
C THR A 447 44.22 -1.70 9.65
N ARG A 448 43.22 -2.37 10.26
CA ARG A 448 43.48 -3.43 11.25
C ARG A 448 42.71 -4.72 10.91
N ASP A 449 43.22 -5.84 11.39
CA ASP A 449 42.61 -7.13 11.18
C ASP A 449 42.24 -7.44 9.74
N ILE A 450 42.98 -6.87 8.78
CA ILE A 450 42.84 -7.23 7.38
C ILE A 450 44.07 -7.97 6.85
N GLY A 451 43.91 -9.26 6.59
CA GLY A 451 45.05 -10.11 6.33
C GLY A 451 45.41 -10.39 4.88
N SER A 452 44.51 -10.00 3.96
CA SER A 452 44.67 -10.13 2.51
C SER A 452 44.42 -8.80 1.77
N ILE A 453 45.28 -8.47 0.80
CA ILE A 453 45.18 -7.25 0.03
C ILE A 453 45.06 -7.79 -1.38
N VAL A 454 44.07 -7.30 -2.13
CA VAL A 454 43.89 -7.72 -3.55
C VAL A 454 44.28 -6.50 -4.36
N THR A 455 45.05 -6.72 -5.41
CA THR A 455 45.51 -5.68 -6.33
C THR A 455 45.28 -6.23 -7.74
N LYS A 456 45.27 -5.34 -8.73
CA LYS A 456 45.15 -5.76 -10.14
C LYS A 456 46.50 -5.60 -10.81
N GLU A 457 47.07 -6.71 -11.26
CA GLU A 457 48.34 -6.71 -11.95
C GLU A 457 48.26 -7.01 -13.44
N PRO A 458 47.97 -6.03 -14.27
CA PRO A 458 47.96 -6.29 -15.71
C PRO A 458 49.24 -6.88 -16.26
N GLY A 459 50.39 -6.26 -16.01
CA GLY A 459 51.68 -6.79 -16.45
C GLY A 459 52.36 -7.80 -15.57
N PHE A 460 51.57 -8.62 -14.90
CA PHE A 460 51.88 -10.00 -14.60
C PHE A 460 50.74 -10.91 -15.12
N LEU A 461 49.45 -10.58 -14.95
CA LEU A 461 48.37 -11.38 -15.55
C LEU A 461 47.64 -10.75 -16.72
N TRP A 462 48.10 -11.01 -17.92
CA TRP A 462 47.67 -10.13 -19.05
C TRP A 462 46.16 -10.37 -19.33
N GLY A 463 45.32 -10.24 -18.30
CA GLY A 463 43.87 -10.40 -18.42
C GLY A 463 43.24 -11.75 -18.11
N ASP A 467 42.52 -9.53 -13.52
CA ASP A 467 43.88 -9.96 -13.13
C ASP A 467 44.19 -9.75 -11.63
N ASP A 468 43.42 -10.39 -10.77
CA ASP A 468 43.57 -10.22 -9.32
C ASP A 468 44.65 -11.09 -8.70
N VAL A 469 45.40 -10.45 -7.84
CA VAL A 469 46.51 -11.02 -7.13
C VAL A 469 46.24 -10.77 -5.66
N THR A 470 46.32 -11.83 -4.89
CA THR A 470 46.08 -11.79 -3.47
C THR A 470 47.36 -11.82 -2.66
N HIS A 471 47.64 -10.74 -1.92
CA HIS A 471 48.80 -10.61 -1.01
C HIS A 471 48.39 -10.82 0.46
N SER A 472 49.14 -11.66 1.19
CA SER A 472 49.05 -11.79 2.67
C SER A 472 49.76 -10.68 3.39
N VAL A 473 49.18 -10.17 4.50
CA VAL A 473 49.83 -9.10 5.27
C VAL A 473 50.68 -9.78 6.35
N THR A 474 52.00 -9.62 6.23
CA THR A 474 52.95 -10.24 7.18
C THR A 474 53.92 -9.16 7.74
N ALA A 475 54.59 -9.51 8.81
CA ALA A 475 55.69 -8.71 9.35
C ALA A 475 56.81 -8.35 8.38
N SER A 476 57.04 -9.14 7.33
CA SER A 476 58.13 -8.83 6.39
C SER A 476 57.74 -8.13 5.08
N GLY A 477 56.47 -7.88 4.86
CA GLY A 477 55.98 -7.20 3.63
C GLY A 477 54.62 -7.79 3.26
N LEU A 478 54.08 -7.42 2.09
CA LEU A 478 52.91 -8.07 1.52
C LEU A 478 53.50 -9.22 0.68
N LYS A 479 52.99 -10.42 0.88
CA LYS A 479 53.57 -11.60 0.24
C LYS A 479 52.62 -12.29 -0.74
N VAL A 480 53.12 -12.59 -1.92
CA VAL A 480 52.42 -13.51 -2.81
C VAL A 480 53.33 -14.76 -2.83
N GLY A 481 52.91 -15.78 -2.09
CA GLY A 481 53.80 -16.87 -1.77
C GLY A 481 55.07 -16.34 -1.11
N SER A 482 56.18 -16.65 -1.76
CA SER A 482 57.52 -16.28 -1.34
C SER A 482 57.91 -14.88 -1.80
N ASN A 483 57.11 -14.30 -2.70
CA ASN A 483 57.38 -12.99 -3.31
C ASN A 483 56.89 -11.83 -2.43
N VAL A 484 57.75 -10.83 -2.21
CA VAL A 484 57.53 -9.77 -1.24
C VAL A 484 57.43 -8.35 -1.87
N THR A 485 56.33 -7.63 -1.55
CA THR A 485 56.23 -6.18 -1.72
C THR A 485 56.64 -5.58 -0.40
N GLN A 486 57.77 -4.91 -0.40
CA GLN A 486 58.29 -4.42 0.84
C GLN A 486 57.52 -3.26 1.44
N TYR A 487 57.42 -3.23 2.76
CA TYR A 487 56.96 -2.01 3.45
C TYR A 487 57.97 -0.92 3.20
N ASP A 488 57.49 0.32 3.34
CA ASP A 488 58.35 1.48 3.29
C ASP A 488 59.36 1.51 4.51
N ALA A 489 60.57 2.05 4.31
CA ALA A 489 61.59 2.20 5.35
C ALA A 489 60.91 2.69 6.62
N SER A 490 61.05 1.97 7.74
CA SER A 490 60.47 2.35 9.04
C SER A 490 61.46 2.27 10.24
N VAL A 491 61.21 3.05 11.29
CA VAL A 491 61.81 2.76 12.61
C VAL A 491 60.68 2.50 13.61
N LYS A 492 60.62 1.29 14.11
CA LYS A 492 59.57 0.89 15.02
C LYS A 492 60.08 1.08 16.45
N GLY A 493 59.32 1.81 17.26
CA GLY A 493 59.59 1.88 18.71
C GLY A 493 58.89 0.79 19.51
N THR A 494 58.63 1.07 20.79
CA THR A 494 58.05 0.11 21.75
C THR A 494 56.94 0.88 22.46
N ASN A 495 56.27 0.19 23.35
CA ASN A 495 55.32 0.85 24.20
C ASN A 495 55.96 1.58 25.39
N GLY A 496 57.28 1.53 25.45
CA GLY A 496 58.05 2.42 26.33
C GLY A 496 58.35 3.74 25.64
N ALA A 497 59.00 4.67 26.35
CA ALA A 497 59.45 5.88 25.73
C ALA A 497 60.67 5.58 24.91
N ASP A 498 60.65 5.99 23.65
CA ASP A 498 61.72 5.73 22.69
C ASP A 498 62.26 7.02 22.09
N THR A 499 63.55 6.99 21.74
CA THR A 499 64.06 7.97 20.79
C THR A 499 64.27 7.24 19.46
N LEU A 500 63.64 7.76 18.42
CA LEU A 500 63.65 7.13 17.07
C LEU A 500 64.20 8.12 16.09
N LYS A 501 65.14 7.69 15.26
CA LYS A 501 65.82 8.57 14.35
C LYS A 501 65.74 8.06 12.89
N ALA A 502 65.24 8.91 12.01
CA ALA A 502 65.13 8.64 10.59
C ALA A 502 66.49 8.71 9.85
N HIS A 503 66.58 7.95 8.76
CA HIS A 503 67.73 7.97 7.85
C HIS A 503 67.50 9.08 6.87
N ALA A 504 68.56 9.54 6.21
CA ALA A 504 68.44 10.61 5.25
C ALA A 504 67.41 10.36 4.14
N GLY A 505 67.18 9.10 3.81
CA GLY A 505 66.22 8.72 2.76
C GLY A 505 64.74 8.85 3.11
N GLY A 506 64.42 9.12 4.37
CA GLY A 506 63.04 9.24 4.83
C GLY A 506 62.59 7.92 5.45
N ASP A 507 61.94 7.98 6.61
CA ASP A 507 61.37 6.78 7.25
C ASP A 507 60.01 7.12 7.81
N TRP A 508 59.16 6.08 7.90
CA TRP A 508 57.96 6.08 8.71
C TRP A 508 58.45 5.82 10.12
N LEU A 509 58.02 6.66 11.07
CA LEU A 509 58.52 6.60 12.45
C LEU A 509 57.35 6.29 13.38
N PHE A 510 57.45 5.17 14.10
CA PHE A 510 56.32 4.65 14.85
C PHE A 510 56.58 4.64 16.34
N GLY A 511 56.16 5.70 17.01
CA GLY A 511 56.39 5.78 18.43
C GLY A 511 55.70 4.66 19.18
N LEU A 512 54.50 4.26 18.77
CA LEU A 512 53.67 3.41 19.59
C LEU A 512 53.45 4.17 20.93
N ASP A 513 53.09 3.46 22.00
CA ASP A 513 52.70 4.07 23.29
C ASP A 513 53.94 4.70 23.97
N GLY A 514 53.73 5.61 24.92
CA GLY A 514 54.83 6.27 25.61
C GLY A 514 55.12 7.62 25.01
N ASN A 515 55.84 8.44 25.77
CA ASN A 515 56.15 9.75 25.32
C ASN A 515 57.45 9.61 24.51
N ASP A 516 57.34 9.69 23.18
CA ASP A 516 58.47 9.42 22.29
C ASP A 516 59.07 10.67 21.69
N HIS A 517 60.37 10.60 21.39
CA HIS A 517 61.10 11.67 20.72
C HIS A 517 61.38 11.10 19.34
N LEU A 518 60.72 11.64 18.33
CA LEU A 518 60.89 11.20 16.95
C LEU A 518 61.71 12.24 16.20
N ILE A 519 62.88 11.82 15.71
CA ILE A 519 63.77 12.78 15.10
C ILE A 519 63.84 12.53 13.59
N GLY A 520 63.18 13.40 12.80
CA GLY A 520 63.19 13.25 11.33
C GLY A 520 64.58 13.52 10.76
N GLY A 521 64.76 13.28 9.46
CA GLY A 521 66.02 13.61 8.77
C GLY A 521 65.71 14.56 7.64
N VAL A 522 66.65 14.75 6.73
CA VAL A 522 66.43 15.61 5.57
C VAL A 522 65.43 15.02 4.55
N GLY A 523 65.08 13.74 4.72
CA GLY A 523 64.16 13.06 3.81
C GLY A 523 62.71 13.32 4.13
N ASN A 524 61.81 12.78 3.31
CA ASN A 524 60.39 12.95 3.58
C ASN A 524 60.01 11.85 4.58
N ASP A 525 59.70 12.22 5.81
CA ASP A 525 59.34 11.24 6.82
C ASP A 525 57.83 11.23 7.06
N VAL A 526 57.33 10.12 7.60
CA VAL A 526 55.95 10.00 8.09
C VAL A 526 55.97 9.69 9.59
N PHE A 527 55.42 10.63 10.37
CA PHE A 527 55.55 10.59 11.84
C PHE A 527 54.26 10.03 12.46
N VAL A 528 54.37 8.92 13.16
CA VAL A 528 53.22 8.43 13.87
C VAL A 528 53.59 8.40 15.35
N GLY A 529 53.31 9.52 16.03
CA GLY A 529 53.66 9.62 17.43
C GLY A 529 53.08 8.49 18.25
N GLY A 530 51.81 8.14 17.98
CA GLY A 530 51.10 7.08 18.69
C GLY A 530 50.48 7.71 19.92
N ALA A 531 49.93 6.87 20.80
CA ALA A 531 49.46 7.27 22.12
C ALA A 531 50.62 7.91 22.88
N GLY A 532 50.32 8.73 23.89
CA GLY A 532 51.39 9.41 24.66
C GLY A 532 51.72 10.79 24.12
N ASN A 533 52.48 11.58 24.91
CA ASN A 533 52.85 12.96 24.56
C ASN A 533 54.23 13.03 23.86
N ASP A 534 54.20 13.14 22.53
CA ASP A 534 55.42 12.97 21.71
C ASP A 534 56.09 14.25 21.21
N LEU A 535 57.42 14.25 21.12
CA LEU A 535 58.14 15.36 20.54
C LEU A 535 58.56 14.91 19.17
N MET A 536 58.15 15.63 18.14
CA MET A 536 58.49 15.26 16.78
C MET A 536 59.18 16.42 16.04
N GLU A 537 60.36 16.11 15.49
CA GLU A 537 61.21 17.10 14.80
C GLU A 537 61.38 16.73 13.36
N SER A 538 61.01 17.66 12.50
CA SER A 538 60.98 17.42 11.07
C SER A 538 62.35 17.01 10.47
N GLY A 539 63.39 17.80 10.77
CA GLY A 539 64.71 17.58 10.18
C GLY A 539 64.84 18.02 8.73
N GLY A 540 63.75 18.52 8.14
CA GLY A 540 63.79 19.00 6.75
C GLY A 540 62.94 18.14 5.84
N GLY A 541 62.96 18.43 4.54
CA GLY A 541 62.12 17.71 3.59
C GLY A 541 60.64 17.95 3.75
N ALA A 542 59.82 17.14 3.06
CA ALA A 542 58.38 17.29 3.08
C ALA A 542 57.75 16.11 3.86
N ASP A 543 57.35 16.45 5.08
CA ASP A 543 57.06 15.42 6.08
C ASP A 543 55.55 15.36 6.23
N THR A 544 55.06 14.16 6.57
CA THR A 544 53.69 13.92 7.00
C THR A 544 53.66 13.58 8.50
N PHE A 545 52.75 14.24 9.23
CA PHE A 545 52.50 13.95 10.64
C PHE A 545 51.08 13.43 10.79
N LEU A 546 50.94 12.19 11.28
CA LEU A 546 49.67 11.51 11.34
C LEU A 546 49.18 11.25 12.78
N PHE A 547 47.92 11.60 13.05
CA PHE A 547 47.31 11.62 14.39
C PHE A 547 45.98 10.91 14.37
N ASN A 548 45.86 9.95 15.26
CA ASN A 548 44.72 9.07 15.17
C ASN A 548 44.40 8.61 16.56
N GLY A 549 43.13 8.43 16.89
CA GLY A 549 42.77 7.91 18.23
C GLY A 549 43.04 8.96 19.29
N ALA A 550 43.35 8.50 20.49
CA ALA A 550 43.59 9.39 21.65
C ALA A 550 45.07 9.67 21.64
N PHE A 551 45.47 10.57 20.76
CA PHE A 551 46.87 10.70 20.39
C PHE A 551 47.76 11.48 21.37
N GLY A 552 47.19 12.14 22.36
CA GLY A 552 48.03 12.85 23.33
C GLY A 552 48.15 14.34 23.11
N GLN A 553 49.07 14.95 23.84
CA GLN A 553 49.53 16.31 23.63
C GLN A 553 50.90 16.24 22.96
N ASP A 554 50.91 16.40 21.65
CA ASP A 554 52.15 16.39 20.84
C ASP A 554 52.76 17.74 20.56
N ARG A 555 54.09 17.75 20.46
CA ARG A 555 54.80 18.92 19.99
C ARG A 555 55.49 18.61 18.69
N VAL A 556 55.30 19.49 17.70
CA VAL A 556 55.95 19.36 16.40
C VAL A 556 56.97 20.51 16.17
N VAL A 557 58.24 20.18 15.90
CA VAL A 557 59.30 21.15 15.58
C VAL A 557 59.74 21.14 14.10
N GLY A 558 59.97 22.32 13.54
CA GLY A 558 60.47 22.48 12.18
C GLY A 558 59.42 22.25 11.08
N PHE A 559 58.15 22.36 11.44
CA PHE A 559 57.05 22.20 10.50
C PHE A 559 57.09 23.36 9.56
N THR A 560 57.02 23.07 8.25
CA THR A 560 57.03 24.09 7.20
C THR A 560 55.91 23.96 6.17
N SER A 561 55.95 24.87 5.24
CA SER A 561 55.10 25.01 4.05
C SER A 561 54.72 23.70 3.32
N ASN A 562 55.74 22.88 3.06
CA ASN A 562 55.54 21.66 2.27
C ASN A 562 55.21 20.40 3.11
N ASP A 563 54.94 20.59 4.40
CA ASP A 563 54.54 19.50 5.30
C ASP A 563 53.03 19.32 5.41
N LYS A 564 52.59 18.14 5.87
CA LYS A 564 51.15 17.80 5.92
C LYS A 564 50.85 17.29 7.32
N LEU A 565 49.79 17.80 7.93
CA LEU A 565 49.25 17.16 9.11
C LEU A 565 48.01 16.39 8.68
N VAL A 566 47.85 15.19 9.23
CA VAL A 566 46.69 14.36 8.97
C VAL A 566 45.95 13.92 10.25
N PHE A 567 44.70 14.36 10.40
CA PHE A 567 43.91 13.94 11.55
C PHE A 567 42.78 13.01 11.06
N LEU A 568 42.73 11.80 11.64
CA LEU A 568 41.91 10.69 11.18
C LEU A 568 41.52 9.86 12.38
N GLY A 569 40.22 9.70 12.64
CA GLY A 569 39.79 8.96 13.83
C GLY A 569 40.16 9.65 15.17
N VAL A 570 39.89 10.97 15.22
CA VAL A 570 40.18 11.83 16.37
C VAL A 570 38.90 12.51 16.87
N GLN A 571 38.93 12.95 18.11
CA GLN A 571 37.75 13.46 18.76
C GLN A 571 37.32 14.80 18.22
N GLY A 572 36.01 15.01 18.21
CA GLY A 572 35.44 16.34 18.15
C GLY A 572 35.43 16.92 16.76
N VAL A 573 35.38 16.07 15.75
CA VAL A 573 35.27 16.54 14.34
C VAL A 573 33.81 16.57 13.86
N LEU A 574 33.22 17.77 13.82
CA LEU A 574 31.84 17.96 13.35
C LEU A 574 31.86 17.83 11.82
N PRO A 575 30.76 17.33 11.23
CA PRO A 575 30.73 17.18 9.78
C PRO A 575 31.27 18.41 9.02
N ASN A 576 32.31 18.15 8.25
CA ASN A 576 32.99 19.12 7.41
C ASN A 576 33.83 20.18 8.15
N ASP A 577 34.14 19.92 9.44
CA ASP A 577 35.07 20.78 10.22
C ASP A 577 36.34 20.93 9.40
N ASP A 578 36.82 22.16 9.25
CA ASP A 578 38.20 22.33 8.81
C ASP A 578 39.11 22.69 9.97
N PHE A 579 40.40 22.86 9.68
CA PHE A 579 41.40 23.11 10.74
C PHE A 579 41.13 24.34 11.61
N ARG A 580 40.59 25.38 10.98
CA ARG A 580 40.26 26.65 11.65
C ARG A 580 39.33 26.48 12.82
N ALA A 581 38.43 25.51 12.74
CA ALA A 581 37.54 25.18 13.85
C ALA A 581 38.29 24.68 15.11
N HIS A 582 39.54 24.22 14.92
CA HIS A 582 40.31 23.53 15.96
C HIS A 582 41.61 24.24 16.30
N ALA A 583 41.83 25.41 15.72
CA ALA A 583 43.15 25.98 15.79
C ALA A 583 43.15 27.30 16.51
N SER A 584 44.18 27.51 17.33
CA SER A 584 44.45 28.81 17.95
C SER A 584 45.96 29.08 18.11
N MET A 585 46.27 30.30 18.51
CA MET A 585 47.63 30.67 18.90
C MET A 585 47.70 30.65 20.42
N VAL A 586 48.74 29.99 20.91
CA VAL A 586 49.12 30.01 22.32
C VAL A 586 50.60 30.43 22.29
N GLY A 587 50.86 31.68 22.66
CA GLY A 587 52.19 32.21 22.62
C GLY A 587 52.52 32.35 21.16
N GLN A 588 53.69 31.84 20.77
CA GLN A 588 54.22 31.89 19.40
C GLN A 588 53.84 30.65 18.58
N ASP A 589 53.07 29.75 19.19
CA ASP A 589 52.75 28.41 18.65
C ASP A 589 51.29 28.30 18.26
N THR A 590 51.03 27.60 17.17
CA THR A 590 49.68 27.21 16.76
C THR A 590 49.37 25.90 17.46
N VAL A 591 48.24 25.84 18.16
CA VAL A 591 47.76 24.61 18.74
C VAL A 591 46.47 24.14 18.02
N LEU A 592 46.40 22.84 17.75
CA LEU A 592 45.20 22.19 17.20
C LEU A 592 44.65 21.22 18.19
N LYS A 593 43.39 21.40 18.54
CA LYS A 593 42.81 20.63 19.65
C LYS A 593 41.68 19.78 19.11
N PHE A 594 41.64 18.52 19.56
CA PHE A 594 40.65 17.50 19.19
C PHE A 594 40.28 16.76 20.43
N GLY A 595 39.14 17.15 21.01
CA GLY A 595 38.78 16.65 22.31
C GLY A 595 39.86 17.10 23.27
N GLY A 596 40.34 16.16 24.08
CA GLY A 596 41.44 16.38 25.03
C GLY A 596 42.83 16.20 24.43
N ASP A 597 42.91 15.97 23.10
CA ASP A 597 44.22 15.72 22.47
C ASP A 597 44.63 16.98 21.73
N SER A 598 45.93 17.16 21.51
CA SER A 598 46.37 18.43 20.92
C SER A 598 47.68 18.27 20.15
N VAL A 599 47.91 19.14 19.17
CA VAL A 599 49.19 19.29 18.45
C VAL A 599 49.64 20.77 18.57
N THR A 600 50.90 20.96 18.94
CA THR A 600 51.56 22.27 19.05
C THR A 600 52.63 22.35 17.99
N LEU A 601 52.43 23.30 17.07
CA LEU A 601 53.32 23.50 15.96
C LEU A 601 54.20 24.66 16.39
N VAL A 602 55.37 24.27 16.91
CA VAL A 602 56.25 25.17 17.59
C VAL A 602 56.74 26.24 16.59
N GLY A 603 56.44 27.47 16.95
CA GLY A 603 56.93 28.65 16.24
C GLY A 603 56.17 28.94 14.96
N VAL A 604 55.08 28.22 14.72
CA VAL A 604 54.30 28.36 13.47
C VAL A 604 53.13 29.30 13.72
N ALA A 605 53.04 30.36 12.95
CA ALA A 605 51.93 31.27 13.01
C ALA A 605 50.68 30.72 12.36
N LEU A 606 49.57 30.89 13.04
CA LEU A 606 48.30 30.50 12.53
C LEU A 606 48.00 30.93 11.10
N ASN A 607 48.33 32.17 10.76
CA ASN A 607 48.22 32.66 9.42
C ASN A 607 49.05 32.07 8.31
N SER A 608 50.03 31.25 8.64
CA SER A 608 50.85 30.56 7.60
C SER A 608 50.25 29.22 7.14
N LEU A 609 49.23 28.76 7.86
CA LEU A 609 48.63 27.47 7.57
C LEU A 609 47.58 27.52 6.47
N SER A 610 47.53 26.41 5.74
CA SER A 610 46.65 26.26 4.59
C SER A 610 45.92 24.94 4.72
N ALA A 611 44.62 24.93 4.40
CA ALA A 611 43.78 23.73 4.55
C ALA A 611 44.26 22.56 3.70
N ASP A 612 44.99 22.85 2.63
CA ASP A 612 45.61 21.79 1.86
C ASP A 612 46.78 21.08 2.56
N GLY A 613 47.36 21.72 3.56
CA GLY A 613 48.37 21.02 4.33
C GLY A 613 47.79 20.44 5.60
N ILE A 614 46.48 20.59 5.79
CA ILE A 614 45.86 20.11 7.03
C ILE A 614 44.58 19.31 6.75
N VAL A 615 44.70 17.98 6.80
CA VAL A 615 43.56 17.10 6.57
C VAL A 615 42.82 16.77 7.87
N ILE A 616 41.54 17.17 7.93
CA ILE A 616 40.66 16.77 9.04
C ILE A 616 39.59 15.80 8.55
N ALA A 617 39.63 14.57 9.09
CA ALA A 617 38.63 13.58 8.82
C ALA A 617 37.94 13.11 10.10
N GLY B 2 -29.49 -2.09 -22.88
CA GLY B 2 -28.71 -2.80 -21.83
C GLY B 2 -27.45 -2.00 -21.51
N VAL B 3 -27.00 -2.15 -20.27
CA VAL B 3 -25.87 -1.39 -19.76
C VAL B 3 -24.60 -1.52 -20.61
N TYR B 4 -24.41 -2.67 -21.24
CA TYR B 4 -23.22 -2.88 -22.05
C TYR B 4 -23.51 -2.87 -23.56
N ASP B 5 -24.61 -2.24 -23.98
CA ASP B 5 -24.85 -2.07 -25.47
C ASP B 5 -23.63 -1.44 -26.09
N TYR B 6 -23.18 -1.96 -27.22
CA TYR B 6 -21.95 -1.43 -27.80
C TYR B 6 -22.19 -1.17 -29.30
N LYS B 7 -21.87 0.05 -29.74
CA LYS B 7 -21.99 0.47 -31.15
C LYS B 7 -23.44 0.15 -31.53
N ASN B 8 -23.66 -0.60 -32.63
CA ASN B 8 -25.03 -0.99 -33.04
C ASN B 8 -25.31 -2.48 -33.06
N PHE B 9 -24.64 -3.23 -32.16
CA PHE B 9 -24.78 -4.69 -32.11
C PHE B 9 -26.10 -5.11 -31.49
N GLY B 10 -26.69 -4.21 -30.70
CA GLY B 10 -27.95 -4.51 -30.06
C GLY B 10 -27.75 -5.31 -28.78
N THR B 11 -28.85 -5.58 -28.11
CA THR B 11 -28.82 -6.18 -26.77
C THR B 11 -28.02 -7.45 -26.68
N ALA B 12 -28.45 -8.49 -27.38
CA ALA B 12 -27.90 -9.83 -27.27
C ALA B 12 -26.45 -9.88 -27.78
N ASP B 13 -26.19 -9.31 -28.98
CA ASP B 13 -24.84 -9.40 -29.52
C ASP B 13 -23.86 -8.58 -28.71
N SER B 14 -24.27 -7.44 -28.11
CA SER B 14 -23.31 -6.71 -27.25
C SER B 14 -23.00 -7.50 -25.95
N LYS B 15 -23.98 -8.24 -25.44
CA LYS B 15 -23.76 -9.19 -24.36
C LYS B 15 -22.74 -10.25 -24.67
N ALA B 16 -22.92 -10.94 -25.79
CA ALA B 16 -21.93 -11.93 -26.23
C ALA B 16 -20.55 -11.32 -26.51
N LEU B 17 -20.52 -10.08 -27.02
CA LEU B 17 -19.24 -9.33 -27.22
C LEU B 17 -18.50 -9.14 -25.89
N PHE B 18 -19.22 -8.57 -24.92
CA PHE B 18 -18.74 -8.34 -23.57
C PHE B 18 -18.22 -9.59 -22.84
N SER B 19 -18.99 -10.68 -22.87
CA SER B 19 -18.54 -11.93 -22.28
C SER B 19 -17.24 -12.37 -22.92
N ASP B 20 -17.10 -12.16 -24.25
CA ASP B 20 -15.80 -12.40 -24.91
C ASP B 20 -14.68 -11.51 -24.38
N ALA B 21 -14.91 -10.19 -24.32
CA ALA B 21 -13.99 -9.24 -23.73
C ALA B 21 -13.57 -9.67 -22.32
N MET B 22 -14.53 -10.11 -21.49
CA MET B 22 -14.20 -10.47 -20.11
C MET B 22 -13.36 -11.77 -20.09
N ALA B 23 -13.77 -12.71 -20.93
CA ALA B 23 -13.09 -13.97 -20.96
C ALA B 23 -11.59 -13.78 -21.27
N ILE B 24 -11.26 -12.92 -22.23
CA ILE B 24 -9.89 -12.69 -22.66
C ILE B 24 -9.11 -11.78 -21.69
N THR B 25 -9.80 -10.82 -21.07
CA THR B 25 -9.21 -10.03 -20.00
C THR B 25 -8.77 -10.94 -18.86
N LEU B 26 -9.65 -11.85 -18.42
CA LEU B 26 -9.31 -12.76 -17.32
C LEU B 26 -8.08 -13.62 -17.66
N TYR B 27 -8.06 -14.17 -18.88
CA TYR B 27 -6.96 -15.00 -19.38
C TYR B 27 -5.61 -14.26 -19.24
N SER B 28 -5.60 -12.97 -19.63
CA SER B 28 -4.36 -12.15 -19.62
C SER B 28 -3.71 -12.09 -18.23
N TYR B 29 -4.51 -12.25 -17.17
CA TYR B 29 -3.99 -12.27 -15.81
C TYR B 29 -3.55 -13.68 -15.33
N HIS B 30 -3.89 -14.70 -16.10
CA HIS B 30 -3.53 -16.07 -15.76
C HIS B 30 -3.83 -16.50 -14.31
N ASN B 31 -4.95 -16.01 -13.80
CA ASN B 31 -5.48 -16.40 -12.50
C ASN B 31 -4.60 -15.95 -11.34
N LEU B 32 -3.86 -14.85 -11.56
CA LEU B 32 -3.04 -14.25 -10.50
C LEU B 32 -3.79 -13.88 -9.21
N ASP B 33 -5.04 -13.40 -9.33
CA ASP B 33 -5.81 -13.05 -8.13
C ASP B 33 -6.67 -14.22 -7.58
N ASN B 34 -6.50 -15.44 -8.09
CA ASN B 34 -7.32 -16.60 -7.67
C ASN B 34 -7.29 -16.86 -6.13
N GLY B 35 -6.07 -16.87 -5.56
CA GLY B 35 -5.90 -17.04 -4.13
C GLY B 35 -6.52 -15.91 -3.33
N PHE B 36 -6.42 -14.67 -3.77
CA PHE B 36 -7.19 -13.62 -3.08
C PHE B 36 -8.71 -13.86 -3.09
N ALA B 37 -9.28 -14.03 -4.29
CA ALA B 37 -10.69 -14.30 -4.42
C ALA B 37 -11.09 -15.41 -3.47
N ALA B 38 -10.42 -16.55 -3.57
CA ALA B 38 -10.73 -17.69 -2.69
C ALA B 38 -10.47 -17.35 -1.17
N GLY B 39 -9.35 -16.68 -0.86
CA GLY B 39 -9.13 -16.21 0.50
C GLY B 39 -10.22 -15.28 1.05
N TYR B 40 -10.58 -14.27 0.24
CA TYR B 40 -11.64 -13.32 0.61
C TYR B 40 -12.95 -14.05 0.83
N GLN B 41 -13.31 -14.99 -0.05
CA GLN B 41 -14.65 -15.62 0.04
C GLN B 41 -14.80 -16.28 1.41
N HIS B 42 -13.75 -17.00 1.83
CA HIS B 42 -13.74 -17.66 3.13
C HIS B 42 -13.58 -16.73 4.32
N ASN B 43 -12.64 -15.80 4.24
CA ASN B 43 -12.21 -15.01 5.41
C ASN B 43 -12.80 -13.60 5.58
N GLY B 44 -13.22 -13.00 4.47
CA GLY B 44 -13.57 -11.59 4.45
C GLY B 44 -12.40 -10.63 4.50
N PHE B 45 -12.66 -9.40 4.93
CA PHE B 45 -11.76 -8.27 4.73
C PHE B 45 -11.66 -7.47 6.02
N GLY B 46 -12.09 -8.08 7.10
CA GLY B 46 -11.94 -7.50 8.39
C GLY B 46 -10.98 -8.21 9.31
N LEU B 47 -11.55 -8.85 10.31
CA LEU B 47 -10.82 -9.71 11.18
C LEU B 47 -10.05 -10.77 10.41
N GLY B 48 -10.67 -11.23 9.33
CA GLY B 48 -10.11 -12.20 8.45
C GLY B 48 -9.13 -11.70 7.43
N LEU B 49 -8.87 -10.41 7.37
CA LEU B 49 -7.96 -9.87 6.38
C LEU B 49 -6.56 -10.54 6.32
N PRO B 50 -5.87 -10.78 7.47
CA PRO B 50 -4.60 -11.54 7.44
C PRO B 50 -4.66 -12.90 6.73
N ALA B 51 -5.64 -13.73 7.09
CA ALA B 51 -5.89 -15.01 6.40
C ALA B 51 -6.20 -14.82 4.92
N THR B 52 -7.01 -13.81 4.57
CA THR B 52 -7.30 -13.49 3.17
C THR B 52 -6.02 -13.24 2.34
N LEU B 53 -5.11 -12.45 2.89
CA LEU B 53 -3.76 -12.20 2.30
C LEU B 53 -2.85 -13.43 2.27
N VAL B 54 -3.00 -14.33 3.24
CA VAL B 54 -2.21 -15.56 3.20
C VAL B 54 -2.61 -16.34 1.95
N THR B 55 -3.92 -16.43 1.72
CA THR B 55 -4.40 -17.18 0.60
C THR B 55 -4.04 -16.45 -0.71
N ALA B 56 -4.10 -15.13 -0.71
CA ALA B 56 -3.65 -14.31 -1.85
C ALA B 56 -2.22 -14.63 -2.31
N LEU B 57 -1.35 -15.01 -1.35
CA LEU B 57 0.04 -15.26 -1.68
C LEU B 57 0.35 -16.73 -1.94
N LEU B 58 -0.29 -17.63 -1.21
CA LEU B 58 0.02 -19.05 -1.16
C LEU B 58 -1.09 -19.98 -1.69
N GLY B 59 -2.25 -19.40 -1.99
CA GLY B 59 -3.45 -20.17 -2.32
C GLY B 59 -3.80 -21.17 -1.25
N GLY B 60 -4.22 -22.35 -1.69
CA GLY B 60 -4.71 -23.38 -0.79
C GLY B 60 -4.87 -24.64 -1.58
N THR B 61 -5.75 -25.54 -1.14
CA THR B 61 -6.00 -26.80 -1.86
C THR B 61 -6.97 -26.62 -3.07
N ASP B 62 -7.61 -25.44 -3.16
CA ASP B 62 -8.57 -25.13 -4.26
C ASP B 62 -8.35 -23.78 -4.95
N SER B 63 -7.16 -23.19 -4.74
CA SER B 63 -6.76 -21.90 -5.35
C SER B 63 -5.24 -21.75 -5.44
N GLN B 64 -4.79 -20.97 -6.40
CA GLN B 64 -3.36 -20.66 -6.44
C GLN B 64 -3.15 -19.18 -6.15
N GLY B 65 -2.39 -18.88 -5.10
CA GLY B 65 -1.98 -17.50 -4.87
C GLY B 65 -0.89 -17.05 -5.83
N VAL B 66 -0.26 -15.94 -5.46
CA VAL B 66 0.71 -15.22 -6.31
C VAL B 66 2.06 -15.99 -6.50
N ILE B 67 2.29 -16.97 -5.62
CA ILE B 67 3.58 -17.68 -5.51
C ILE B 67 3.46 -18.96 -6.32
N PRO B 68 4.34 -19.12 -7.32
CA PRO B 68 4.36 -20.33 -8.14
C PRO B 68 4.91 -21.58 -7.37
N GLY B 69 4.66 -22.79 -7.88
CA GLY B 69 5.31 -24.02 -7.43
C GLY B 69 5.02 -24.51 -6.01
N ILE B 70 3.81 -24.28 -5.54
CA ILE B 70 3.40 -24.80 -4.24
C ILE B 70 2.59 -26.06 -4.54
N PRO B 71 3.10 -27.24 -4.11
CA PRO B 71 2.64 -28.58 -4.50
C PRO B 71 1.14 -28.80 -4.43
N TRP B 72 0.52 -28.31 -3.36
CA TRP B 72 -0.88 -28.54 -3.09
C TRP B 72 -1.89 -27.58 -3.79
N ASN B 73 -1.39 -26.48 -4.41
CA ASN B 73 -2.25 -25.58 -5.22
C ASN B 73 -2.74 -26.31 -6.51
N PRO B 74 -3.95 -26.00 -6.99
CA PRO B 74 -4.23 -26.39 -8.38
C PRO B 74 -3.44 -25.56 -9.37
N ASP B 75 -3.25 -26.10 -10.58
CA ASP B 75 -2.64 -25.36 -11.66
C ASP B 75 -3.64 -24.29 -12.18
N SER B 76 -3.58 -23.09 -11.59
CA SER B 76 -4.58 -22.07 -11.89
C SER B 76 -4.35 -21.46 -13.30
N GLU B 77 -3.14 -21.66 -13.81
CA GLU B 77 -2.81 -21.15 -15.14
C GLU B 77 -3.33 -22.08 -16.25
N LYS B 78 -3.28 -23.40 -16.01
CA LYS B 78 -4.01 -24.35 -16.86
C LYS B 78 -5.52 -24.08 -16.81
N LEU B 79 -6.09 -23.87 -15.62
CA LEU B 79 -7.53 -23.51 -15.54
C LEU B 79 -7.90 -22.27 -16.34
N ALA B 80 -7.06 -21.23 -16.30
CA ALA B 80 -7.27 -20.00 -17.11
C ALA B 80 -7.22 -20.32 -18.61
N LEU B 81 -6.27 -21.15 -19.04
CA LEU B 81 -6.17 -21.48 -20.45
C LEU B 81 -7.43 -22.23 -20.85
N ASP B 82 -7.79 -23.25 -20.06
CA ASP B 82 -8.98 -24.05 -20.34
C ASP B 82 -10.24 -23.16 -20.45
N ALA B 83 -10.32 -22.12 -19.59
CA ALA B 83 -11.44 -21.20 -19.53
C ALA B 83 -11.52 -20.31 -20.77
N VAL B 84 -10.37 -19.79 -21.22
CA VAL B 84 -10.39 -18.97 -22.42
C VAL B 84 -10.74 -19.82 -23.63
N LYS B 85 -10.35 -21.12 -23.57
CA LYS B 85 -10.71 -22.06 -24.64
C LYS B 85 -12.19 -22.38 -24.62
N LYS B 86 -12.76 -22.65 -23.45
CA LYS B 86 -14.20 -22.87 -23.35
C LYS B 86 -14.97 -21.68 -23.96
N ALA B 87 -14.41 -20.46 -23.80
CA ALA B 87 -14.97 -19.24 -24.34
C ALA B 87 -14.81 -19.11 -25.87
N GLY B 88 -14.06 -20.00 -26.51
CA GLY B 88 -13.93 -20.00 -27.96
C GLY B 88 -12.53 -19.70 -28.48
N TRP B 89 -11.64 -19.28 -27.58
CA TRP B 89 -10.36 -18.75 -27.98
C TRP B 89 -9.14 -19.65 -27.75
N THR B 90 -8.17 -19.54 -28.65
CA THR B 90 -6.90 -20.26 -28.58
C THR B 90 -5.80 -19.22 -28.88
N PRO B 91 -4.81 -19.06 -27.96
CA PRO B 91 -3.82 -18.03 -28.24
C PRO B 91 -3.09 -18.30 -29.57
N ILE B 92 -2.80 -17.24 -30.32
CA ILE B 92 -2.08 -17.34 -31.58
C ILE B 92 -0.55 -17.22 -31.35
N THR B 93 0.22 -18.15 -31.93
CA THR B 93 1.67 -18.30 -31.66
C THR B 93 2.50 -17.27 -32.42
N ALA B 94 3.70 -16.97 -31.90
CA ALA B 94 4.61 -16.04 -32.60
C ALA B 94 4.89 -16.54 -34.03
N SER B 95 5.04 -17.85 -34.20
CA SER B 95 5.29 -18.37 -35.56
C SER B 95 4.11 -18.07 -36.53
N GLN B 96 2.86 -18.42 -36.16
CA GLN B 96 1.66 -18.03 -37.00
C GLN B 96 1.61 -16.58 -37.48
N LEU B 97 2.11 -15.68 -36.64
CA LEU B 97 2.09 -14.27 -36.92
C LEU B 97 3.35 -13.90 -37.69
N GLY B 98 4.33 -14.80 -37.63
CA GLY B 98 5.67 -14.51 -38.11
C GLY B 98 6.22 -13.33 -37.33
N TYR B 99 6.01 -13.35 -36.01
CA TYR B 99 6.53 -12.32 -35.07
C TYR B 99 7.92 -12.69 -34.50
N ASP B 100 8.81 -11.75 -34.67
CA ASP B 100 10.23 -11.81 -34.31
C ASP B 100 10.50 -11.25 -32.90
N GLY B 101 9.45 -10.79 -32.19
CA GLY B 101 9.64 -10.26 -30.84
C GLY B 101 9.72 -11.35 -29.78
N LYS B 102 9.47 -10.95 -28.53
CA LYS B 102 9.60 -11.84 -27.38
C LYS B 102 8.25 -12.44 -26.99
N THR B 103 8.26 -13.73 -26.66
CA THR B 103 7.14 -14.35 -26.01
C THR B 103 7.71 -15.31 -24.97
N ASP B 104 6.88 -15.68 -24.01
CA ASP B 104 7.32 -16.57 -22.98
C ASP B 104 6.70 -17.94 -23.25
N ALA B 105 6.90 -18.88 -22.33
CA ALA B 105 6.46 -20.26 -22.51
C ALA B 105 4.96 -20.44 -22.70
N ARG B 106 4.16 -19.45 -22.28
CA ARG B 106 2.69 -19.48 -22.40
C ARG B 106 2.18 -18.91 -23.74
N GLY B 107 3.09 -18.36 -24.53
CA GLY B 107 2.72 -17.68 -25.79
C GLY B 107 2.41 -16.19 -25.59
N THR B 108 2.51 -15.70 -24.34
CA THR B 108 2.23 -14.28 -24.02
C THR B 108 3.27 -13.44 -24.75
N PHE B 109 2.83 -12.34 -25.36
CA PHE B 109 3.77 -11.41 -26.05
C PHE B 109 4.22 -10.25 -25.11
N PHE B 110 5.50 -9.81 -25.19
CA PHE B 110 6.06 -8.82 -24.27
C PHE B 110 6.42 -7.58 -25.02
N GLY B 111 6.37 -6.44 -24.32
CA GLY B 111 6.58 -5.16 -24.98
C GLY B 111 7.96 -5.03 -25.59
N GLU B 112 8.03 -4.15 -26.60
CA GLU B 112 9.05 -4.16 -27.66
C GLU B 112 10.23 -3.24 -27.46
N LYS B 113 9.98 -2.12 -26.77
CA LYS B 113 10.94 -1.06 -26.56
C LYS B 113 11.32 -0.91 -25.11
N ALA B 114 12.49 -0.28 -24.89
CA ALA B 114 12.91 0.16 -23.56
C ALA B 114 11.83 0.99 -22.84
N GLY B 115 11.47 0.53 -21.64
CA GLY B 115 10.49 1.19 -20.80
C GLY B 115 9.09 0.63 -21.04
N TYR B 116 9.02 -0.48 -21.80
CA TYR B 116 7.76 -1.15 -22.12
C TYR B 116 7.97 -2.66 -22.07
N THR B 117 9.12 -3.05 -21.57
CA THR B 117 9.45 -4.47 -21.52
C THR B 117 8.60 -5.34 -20.57
N THR B 118 7.86 -4.69 -19.67
CA THR B 118 6.98 -5.32 -18.71
C THR B 118 5.50 -5.31 -19.19
N ALA B 119 5.22 -4.71 -20.36
CA ALA B 119 3.89 -4.82 -20.97
C ALA B 119 3.64 -6.21 -21.48
N GLN B 120 2.41 -6.70 -21.36
CA GLN B 120 2.06 -8.01 -21.87
C GLN B 120 0.75 -7.96 -22.66
N VAL B 121 0.64 -8.80 -23.68
CA VAL B 121 -0.62 -8.87 -24.46
C VAL B 121 -0.81 -10.29 -24.86
N GLU B 122 -2.07 -10.76 -24.84
CA GLU B 122 -2.47 -12.02 -25.47
C GLU B 122 -3.15 -11.73 -26.84
N ILE B 123 -2.79 -12.51 -27.84
CA ILE B 123 -3.41 -12.43 -29.18
C ILE B 123 -4.05 -13.79 -29.37
N LEU B 124 -5.37 -13.83 -29.55
CA LEU B 124 -6.04 -15.11 -29.59
C LEU B 124 -6.94 -15.20 -30.82
N GLY B 125 -7.31 -16.42 -31.17
CA GLY B 125 -8.11 -16.64 -32.33
C GLY B 125 -9.28 -17.50 -32.00
N LYS B 126 -10.41 -17.17 -32.62
CA LYS B 126 -11.60 -17.99 -32.57
C LYS B 126 -11.68 -18.68 -33.94
N TYR B 127 -11.97 -19.97 -33.98
CA TYR B 127 -12.01 -20.77 -35.24
C TYR B 127 -13.37 -21.44 -35.44
N ASP B 128 -13.86 -21.54 -36.68
CA ASP B 128 -15.14 -22.28 -36.94
C ASP B 128 -14.98 -23.83 -36.96
N ALA B 129 -16.07 -24.54 -37.29
CA ALA B 129 -16.09 -26.01 -37.28
C ALA B 129 -15.10 -26.67 -38.26
N GLN B 130 -14.78 -25.97 -39.34
CA GLN B 130 -13.78 -26.40 -40.33
C GLN B 130 -12.37 -25.89 -40.00
N GLY B 131 -12.22 -25.20 -38.87
CA GLY B 131 -10.92 -24.67 -38.46
C GLY B 131 -10.43 -23.35 -39.06
N HIS B 132 -11.31 -22.60 -39.74
CA HIS B 132 -10.98 -21.25 -40.25
C HIS B 132 -11.09 -20.17 -39.17
N LEU B 133 -10.08 -19.30 -39.11
CA LEU B 133 -10.09 -18.13 -38.25
C LEU B 133 -11.30 -17.26 -38.57
N THR B 134 -12.13 -16.99 -37.56
CA THR B 134 -13.28 -16.09 -37.72
C THR B 134 -13.14 -14.79 -36.94
N GLU B 135 -12.25 -14.77 -35.92
CA GLU B 135 -12.10 -13.64 -34.99
C GLU B 135 -10.73 -13.57 -34.36
N ILE B 136 -10.21 -12.34 -34.20
CA ILE B 136 -9.02 -12.06 -33.38
C ILE B 136 -9.32 -11.30 -32.04
N GLY B 137 -8.76 -11.81 -30.95
CA GLY B 137 -8.89 -11.15 -29.63
C GLY B 137 -7.56 -10.59 -29.19
N ILE B 138 -7.55 -9.34 -28.75
CA ILE B 138 -6.31 -8.72 -28.25
C ILE B 138 -6.53 -8.26 -26.79
N ALA B 139 -5.81 -8.91 -25.87
CA ALA B 139 -6.04 -8.75 -24.44
C ALA B 139 -4.79 -8.23 -23.71
N PHE B 140 -4.75 -6.92 -23.48
CA PHE B 140 -3.58 -6.32 -22.81
C PHE B 140 -3.71 -6.58 -21.30
N ARG B 141 -2.65 -7.09 -20.67
CA ARG B 141 -2.52 -7.24 -19.21
C ARG B 141 -2.38 -5.91 -18.44
N GLY B 142 -3.18 -5.75 -17.41
CA GLY B 142 -3.01 -4.68 -16.44
C GLY B 142 -1.77 -4.89 -15.58
N THR B 143 -1.61 -4.09 -14.54
CA THR B 143 -0.42 -4.13 -13.70
C THR B 143 -0.23 -5.53 -13.15
N SER B 144 1.02 -6.00 -13.25
CA SER B 144 1.42 -7.33 -12.80
C SER B 144 1.99 -8.13 -14.00
N GLY B 145 2.65 -9.24 -13.71
CA GLY B 145 3.26 -10.01 -14.79
C GLY B 145 3.27 -11.46 -14.40
N PRO B 146 3.96 -12.28 -15.23
CA PRO B 146 4.08 -13.67 -14.91
C PRO B 146 4.57 -13.86 -13.48
N ARG B 147 4.00 -14.85 -12.80
CA ARG B 147 4.38 -15.22 -11.43
C ARG B 147 5.91 -15.29 -11.15
N GLU B 148 6.65 -15.83 -12.14
CA GLU B 148 8.14 -16.03 -12.12
C GLU B 148 8.90 -14.72 -11.93
N ASN B 149 8.24 -13.60 -12.18
CA ASN B 149 8.90 -12.32 -12.15
C ASN B 149 7.92 -11.27 -11.67
N LEU B 150 7.02 -11.66 -10.78
CA LEU B 150 5.92 -10.76 -10.46
C LEU B 150 6.40 -9.34 -10.08
N ILE B 151 7.27 -9.23 -9.10
CA ILE B 151 7.57 -7.93 -8.45
C ILE B 151 8.23 -6.94 -9.41
N LEU B 152 9.28 -7.40 -10.08
CA LEU B 152 10.09 -6.60 -10.96
C LEU B 152 9.31 -6.17 -12.18
N ASP B 153 8.43 -7.06 -12.64
CA ASP B 153 7.57 -6.77 -13.77
C ASP B 153 6.55 -5.71 -13.37
N SER B 154 5.89 -5.92 -12.21
CA SER B 154 4.99 -4.95 -11.59
C SER B 154 5.60 -3.60 -11.38
N ILE B 155 6.87 -3.53 -10.94
CA ILE B 155 7.51 -2.21 -10.80
C ILE B 155 7.52 -1.49 -12.17
N GLY B 156 7.87 -2.22 -13.23
CA GLY B 156 7.90 -1.63 -14.56
C GLY B 156 6.50 -1.08 -14.90
N ASP B 157 5.47 -1.88 -14.65
CA ASP B 157 4.09 -1.52 -15.03
C ASP B 157 3.66 -0.21 -14.37
N VAL B 158 4.09 -0.02 -13.13
CA VAL B 158 3.65 1.08 -12.29
C VAL B 158 4.39 2.32 -12.69
N ILE B 159 5.62 2.14 -13.12
CA ILE B 159 6.33 3.25 -13.70
C ILE B 159 5.56 3.79 -14.91
N ASN B 160 5.05 2.88 -15.75
CA ASN B 160 4.18 3.21 -16.87
C ASN B 160 2.90 3.91 -16.43
N ASP B 161 2.21 3.39 -15.40
CA ASP B 161 1.02 4.03 -14.80
C ASP B 161 1.29 5.47 -14.36
N LEU B 162 2.44 5.68 -13.71
CA LEU B 162 2.81 7.01 -13.24
C LEU B 162 3.07 7.99 -14.40
N LEU B 163 3.63 7.48 -15.50
CA LEU B 163 3.93 8.31 -16.67
C LEU B 163 2.66 8.67 -17.39
N ALA B 164 1.68 7.74 -17.41
CA ALA B 164 0.32 8.07 -17.85
C ALA B 164 -0.23 9.35 -17.19
N ALA B 165 0.10 9.60 -15.92
CA ALA B 165 -0.41 10.75 -15.15
C ALA B 165 0.47 12.00 -15.12
N PHE B 166 1.78 11.79 -15.20
CA PHE B 166 2.78 12.78 -14.81
C PHE B 166 3.86 12.90 -15.89
N GLY B 167 3.74 12.13 -16.97
CA GLY B 167 4.78 12.11 -18.00
C GLY B 167 4.46 13.02 -19.18
N PRO B 168 5.08 12.75 -20.34
CA PRO B 168 4.83 13.50 -21.56
C PRO B 168 3.34 13.52 -21.86
N LYS B 169 2.77 14.63 -22.24
CA LYS B 169 1.43 14.63 -22.76
C LYS B 169 1.25 13.50 -23.80
N ASP B 170 0.08 12.93 -23.91
CA ASP B 170 -0.02 11.80 -24.84
C ASP B 170 0.80 10.55 -24.52
N TYR B 171 1.30 10.39 -23.30
CA TYR B 171 1.99 9.15 -22.94
C TYR B 171 1.06 7.93 -23.00
N ALA B 172 -0.13 8.10 -22.46
CA ALA B 172 -1.12 7.02 -22.44
C ALA B 172 -1.58 6.76 -23.87
N LYS B 173 -1.95 7.82 -24.58
CA LYS B 173 -2.33 7.67 -25.98
C LYS B 173 -1.36 6.76 -26.76
N ASN B 174 -0.04 6.99 -26.63
CA ASN B 174 0.99 6.23 -27.41
C ASN B 174 1.47 4.91 -26.85
N TYR B 175 0.95 4.48 -25.70
CA TYR B 175 1.54 3.34 -24.99
C TYR B 175 1.59 2.09 -25.86
N VAL B 176 0.44 1.72 -26.46
CA VAL B 176 0.36 0.54 -27.33
C VAL B 176 1.22 0.76 -28.58
N GLY B 177 1.31 1.99 -29.07
CA GLY B 177 2.24 2.30 -30.19
C GLY B 177 3.69 1.91 -29.90
N GLU B 178 4.14 2.25 -28.69
CA GLU B 178 5.49 1.95 -28.24
C GLU B 178 5.66 0.48 -27.86
N ALA B 179 4.74 -0.06 -27.05
CA ALA B 179 4.93 -1.36 -26.52
C ALA B 179 4.78 -2.44 -27.60
N PHE B 180 3.88 -2.24 -28.59
CA PHE B 180 3.45 -3.32 -29.53
C PHE B 180 3.23 -2.88 -31.00
N GLY B 181 3.78 -1.74 -31.40
CA GLY B 181 3.78 -1.30 -32.79
C GLY B 181 4.13 -2.37 -33.83
N ASN B 182 5.22 -3.12 -33.64
CA ASN B 182 5.53 -4.18 -34.61
C ASN B 182 4.55 -5.34 -34.56
N LEU B 183 4.26 -5.86 -33.37
CA LEU B 183 3.25 -6.93 -33.20
C LEU B 183 1.92 -6.66 -33.92
N LEU B 184 1.44 -5.41 -33.81
CA LEU B 184 0.20 -5.04 -34.48
C LEU B 184 0.25 -5.11 -36.04
N ASN B 185 1.34 -4.67 -36.65
CA ASN B 185 1.60 -4.88 -38.10
C ASN B 185 1.51 -6.37 -38.53
N ASP B 186 2.13 -7.26 -37.75
CA ASP B 186 2.02 -8.69 -37.98
C ASP B 186 0.61 -9.20 -37.82
N VAL B 187 -0.14 -8.58 -36.90
CA VAL B 187 -1.53 -8.98 -36.65
C VAL B 187 -2.41 -8.57 -37.82
N VAL B 188 -2.23 -7.35 -38.33
CA VAL B 188 -2.86 -6.84 -39.57
C VAL B 188 -2.61 -7.82 -40.72
N ALA B 189 -1.33 -8.16 -40.96
CA ALA B 189 -0.96 -9.09 -42.03
C ALA B 189 -1.52 -10.50 -41.80
N PHE B 190 -1.51 -10.94 -40.54
CA PHE B 190 -2.10 -12.24 -40.21
C PHE B 190 -3.62 -12.26 -40.44
N ALA B 191 -4.29 -11.13 -40.19
CA ALA B 191 -5.76 -11.04 -40.35
C ALA B 191 -6.16 -10.98 -41.81
N LYS B 192 -5.41 -10.17 -42.57
CA LYS B 192 -5.61 -10.07 -44.03
C LYS B 192 -5.38 -11.44 -44.64
N ALA B 193 -4.27 -12.09 -44.28
CA ALA B 193 -4.02 -13.43 -44.73
C ALA B 193 -5.25 -14.31 -44.56
N ASN B 194 -6.04 -14.07 -43.52
CA ASN B 194 -7.11 -14.99 -43.16
C ASN B 194 -8.51 -14.58 -43.52
N GLY B 195 -8.60 -13.47 -44.25
CA GLY B 195 -9.88 -12.95 -44.72
C GLY B 195 -10.56 -11.95 -43.79
N LEU B 196 -9.85 -11.50 -42.76
CA LEU B 196 -10.45 -10.67 -41.74
C LEU B 196 -10.18 -9.19 -41.93
N SER B 197 -11.08 -8.35 -41.42
CA SER B 197 -10.83 -6.93 -41.38
C SER B 197 -10.89 -6.49 -39.93
N GLY B 198 -10.85 -5.18 -39.67
CA GLY B 198 -10.85 -4.63 -38.30
C GLY B 198 -12.07 -5.09 -37.49
N LYS B 199 -13.20 -5.25 -38.16
CA LYS B 199 -14.48 -5.49 -37.51
C LYS B 199 -14.51 -6.85 -36.85
N ASP B 200 -13.60 -7.75 -37.26
CA ASP B 200 -13.47 -9.11 -36.68
C ASP B 200 -12.45 -9.15 -35.54
N VAL B 201 -12.04 -7.97 -35.07
CA VAL B 201 -11.06 -7.85 -33.97
C VAL B 201 -11.70 -7.30 -32.72
N LEU B 202 -11.57 -8.05 -31.60
CA LEU B 202 -12.00 -7.56 -30.28
C LEU B 202 -10.78 -7.17 -29.44
N VAL B 203 -10.74 -5.92 -28.95
CA VAL B 203 -9.64 -5.46 -28.10
C VAL B 203 -10.12 -5.23 -26.65
N SER B 204 -9.42 -5.85 -25.69
CA SER B 204 -9.81 -5.78 -24.30
C SER B 204 -8.62 -5.81 -23.34
N GLY B 205 -8.92 -5.81 -22.03
CA GLY B 205 -7.93 -5.64 -21.00
C GLY B 205 -8.41 -4.82 -19.81
N HIS B 206 -7.84 -5.11 -18.65
CA HIS B 206 -8.21 -4.50 -17.38
C HIS B 206 -7.06 -3.61 -16.88
N SER B 207 -7.41 -2.52 -16.16
CA SER B 207 -6.44 -1.64 -15.48
C SER B 207 -5.57 -0.95 -16.51
N LEU B 208 -4.27 -1.10 -16.37
CA LEU B 208 -3.27 -0.69 -17.37
C LEU B 208 -3.56 -1.27 -18.78
N GLY B 209 -4.19 -2.44 -18.82
CA GLY B 209 -4.62 -3.03 -20.08
C GLY B 209 -5.86 -2.35 -20.61
N GLY B 210 -6.64 -1.74 -19.70
CA GLY B 210 -7.74 -0.83 -20.03
C GLY B 210 -7.18 0.43 -20.64
N LEU B 211 -6.11 0.95 -20.05
CA LEU B 211 -5.40 2.12 -20.55
C LEU B 211 -4.93 1.77 -21.98
N ALA B 212 -4.37 0.56 -22.14
CA ALA B 212 -3.90 0.06 -23.44
C ALA B 212 -5.03 -0.07 -24.49
N VAL B 213 -6.22 -0.56 -24.11
CA VAL B 213 -7.42 -0.52 -24.97
C VAL B 213 -7.67 0.89 -25.48
N ASN B 214 -7.67 1.87 -24.58
CA ASN B 214 -7.89 3.25 -24.93
C ASN B 214 -6.80 3.84 -25.86
N SER B 215 -5.52 3.52 -25.59
CA SER B 215 -4.39 3.94 -26.43
C SER B 215 -4.58 3.41 -27.85
N MET B 216 -4.77 2.10 -27.98
CA MET B 216 -4.96 1.49 -29.26
C MET B 216 -6.15 2.11 -30.04
N ALA B 217 -7.28 2.34 -29.37
CA ALA B 217 -8.39 3.10 -29.93
C ALA B 217 -7.96 4.50 -30.43
N ASP B 218 -7.24 5.26 -29.60
CA ASP B 218 -6.72 6.57 -30.00
C ASP B 218 -5.84 6.51 -31.29
N LEU B 219 -5.10 5.42 -31.45
CA LEU B 219 -4.10 5.34 -32.51
C LEU B 219 -4.62 4.63 -33.77
N SER B 220 -5.79 4.00 -33.66
CA SER B 220 -6.29 3.06 -34.65
C SER B 220 -6.59 3.73 -35.99
N GLY B 221 -6.92 5.02 -35.90
CA GLY B 221 -7.31 5.85 -37.02
C GLY B 221 -6.12 6.08 -37.96
N GLY B 222 -4.95 6.28 -37.37
CA GLY B 222 -3.77 6.76 -38.08
C GLY B 222 -2.62 5.79 -38.22
N LYS B 223 -2.57 4.77 -37.37
CA LYS B 223 -1.48 3.78 -37.37
C LYS B 223 -1.99 2.45 -37.88
N TRP B 224 -1.06 1.55 -38.18
CA TRP B 224 -1.33 0.23 -38.80
C TRP B 224 -2.24 0.34 -40.04
N GLY B 225 -2.16 1.47 -40.73
CA GLY B 225 -2.92 1.72 -41.94
C GLY B 225 -4.41 1.89 -41.75
N GLY B 226 -4.83 2.35 -40.57
CA GLY B 226 -6.24 2.50 -40.27
C GLY B 226 -7.01 1.19 -40.11
N PHE B 227 -6.30 0.05 -40.12
CA PHE B 227 -6.91 -1.30 -40.08
C PHE B 227 -7.88 -1.55 -38.90
N PHE B 228 -7.51 -1.14 -37.70
CA PHE B 228 -8.33 -1.39 -36.49
C PHE B 228 -9.24 -0.20 -36.15
N ALA B 229 -9.52 0.67 -37.12
CA ALA B 229 -10.35 1.83 -36.83
C ALA B 229 -11.80 1.41 -36.46
N ASP B 230 -12.22 0.25 -36.97
CA ASP B 230 -13.55 -0.34 -36.77
C ASP B 230 -13.47 -1.64 -35.91
N SER B 231 -12.34 -1.80 -35.21
CA SER B 231 -12.23 -2.88 -34.26
C SER B 231 -13.20 -2.63 -33.06
N ASN B 232 -13.40 -3.68 -32.24
CA ASN B 232 -14.24 -3.61 -31.04
C ASN B 232 -13.43 -3.38 -29.77
N TYR B 233 -13.77 -2.33 -29.03
CA TYR B 233 -12.92 -1.92 -27.91
C TYR B 233 -13.69 -1.86 -26.62
N ILE B 234 -13.45 -2.82 -25.74
CA ILE B 234 -14.09 -2.90 -24.43
C ILE B 234 -13.02 -2.89 -23.31
N ALA B 235 -12.89 -1.73 -22.65
CA ALA B 235 -11.89 -1.61 -21.59
C ALA B 235 -12.46 -1.73 -20.17
N TYR B 236 -11.77 -2.49 -19.31
CA TYR B 236 -12.18 -2.67 -17.91
C TYR B 236 -11.28 -1.89 -16.93
N ALA B 237 -11.91 -1.10 -16.04
CA ALA B 237 -11.23 -0.46 -14.91
C ALA B 237 -10.08 0.40 -15.43
N SER B 238 -10.31 1.04 -16.57
CA SER B 238 -9.29 1.87 -17.15
C SER B 238 -9.15 3.20 -16.41
N PRO B 239 -7.90 3.60 -16.07
CA PRO B 239 -7.80 4.97 -15.46
C PRO B 239 -8.03 6.09 -16.49
N THR B 240 -7.90 5.78 -17.77
CA THR B 240 -8.04 6.77 -18.86
C THR B 240 -9.25 6.47 -19.79
N GLN B 241 -9.59 7.43 -20.66
CA GLN B 241 -10.65 7.29 -21.66
C GLN B 241 -10.02 7.87 -22.88
N SER B 242 -10.07 7.13 -23.96
CA SER B 242 -9.56 7.60 -25.23
C SER B 242 -10.37 8.83 -25.66
N SER B 243 -9.81 9.64 -26.55
CA SER B 243 -10.44 10.81 -27.14
C SER B 243 -11.41 10.50 -28.28
N THR B 244 -11.62 9.21 -28.55
CA THR B 244 -12.47 8.73 -29.64
C THR B 244 -13.87 8.28 -29.14
N ASP B 245 -14.76 7.87 -30.05
CA ASP B 245 -16.05 7.31 -29.61
C ASP B 245 -16.06 5.79 -29.71
N LYS B 246 -14.88 5.18 -29.78
CA LYS B 246 -14.73 3.73 -30.01
C LYS B 246 -14.75 2.83 -28.77
N VAL B 247 -14.60 3.38 -27.57
CA VAL B 247 -14.35 2.52 -26.41
C VAL B 247 -15.50 2.49 -25.40
N LEU B 248 -15.93 1.27 -25.05
CA LEU B 248 -16.85 1.10 -23.93
C LEU B 248 -15.97 0.98 -22.70
N ASN B 249 -16.00 1.98 -21.81
CA ASN B 249 -15.23 1.89 -20.57
C ASN B 249 -16.09 1.40 -19.41
N VAL B 250 -15.96 0.10 -19.15
CA VAL B 250 -16.67 -0.58 -18.08
C VAL B 250 -15.83 -0.62 -16.78
N GLY B 251 -16.45 -0.30 -15.63
CA GLY B 251 -15.76 -0.29 -14.34
C GLY B 251 -16.80 -0.20 -13.21
N TYR B 252 -16.37 -0.55 -12.00
CA TYR B 252 -17.13 -0.29 -10.78
C TYR B 252 -16.83 1.13 -10.31
N GLU B 253 -17.86 1.88 -9.89
CA GLU B 253 -17.64 3.28 -9.51
C GLU B 253 -16.81 3.38 -8.18
N ASN B 254 -16.82 2.30 -7.37
CA ASN B 254 -16.04 2.32 -6.13
C ASN B 254 -14.66 1.72 -6.36
N ASP B 255 -14.35 1.46 -7.63
CA ASP B 255 -13.00 1.06 -7.96
C ASP B 255 -12.09 2.31 -8.11
N PRO B 256 -11.13 2.55 -7.17
CA PRO B 256 -10.37 3.80 -7.30
C PRO B 256 -9.54 4.00 -8.61
N VAL B 257 -9.15 2.92 -9.30
CA VAL B 257 -8.38 3.03 -10.57
C VAL B 257 -9.27 3.56 -11.71
N PHE B 258 -10.52 3.10 -11.72
CA PHE B 258 -11.49 3.42 -12.77
C PHE B 258 -11.80 4.94 -12.90
N ARG B 259 -11.38 5.53 -14.05
CA ARG B 259 -11.60 6.93 -14.41
C ARG B 259 -10.69 7.84 -13.57
N ALA B 260 -9.61 7.31 -12.96
CA ALA B 260 -8.72 8.16 -12.11
C ALA B 260 -8.28 9.48 -12.82
N LEU B 261 -7.97 9.38 -14.07
CA LEU B 261 -7.68 10.46 -14.90
C LEU B 261 -8.81 10.85 -15.81
N ASP B 262 -8.76 12.10 -16.23
CA ASP B 262 -9.73 12.72 -17.07
C ASP B 262 -9.20 13.19 -18.40
N GLY B 263 -9.68 12.58 -19.46
CA GLY B 263 -9.37 11.26 -19.87
C GLY B 263 -7.97 10.87 -20.02
N SER B 264 -7.08 11.82 -19.93
CA SER B 264 -5.67 11.50 -19.53
C SER B 264 -5.01 12.43 -18.49
N THR B 265 -5.77 13.42 -18.04
CA THR B 265 -5.29 14.47 -17.20
C THR B 265 -5.47 14.12 -15.72
N PHE B 266 -4.38 14.28 -14.99
CA PHE B 266 -4.34 14.16 -13.57
C PHE B 266 -4.91 15.42 -12.99
N THR B 267 -5.98 15.28 -12.18
CA THR B 267 -6.60 16.40 -11.46
C THR B 267 -6.59 16.20 -9.94
N GLY B 268 -7.16 17.16 -9.20
CA GLY B 268 -7.44 17.02 -7.76
C GLY B 268 -8.26 15.79 -7.38
N ALA B 269 -9.24 15.46 -8.20
CA ALA B 269 -10.13 14.31 -7.99
C ALA B 269 -9.40 12.93 -8.19
N SER B 270 -8.26 12.91 -8.89
CA SER B 270 -7.48 11.67 -9.20
C SER B 270 -7.11 10.89 -7.94
N VAL B 271 -6.84 11.64 -6.87
CA VAL B 271 -6.46 11.03 -5.59
C VAL B 271 -7.62 10.91 -4.63
N GLY B 272 -8.83 11.20 -5.11
CA GLY B 272 -10.05 11.00 -4.32
C GLY B 272 -11.16 10.30 -5.12
N VAL B 273 -12.35 10.87 -4.98
CA VAL B 273 -13.53 10.43 -5.72
C VAL B 273 -13.57 11.18 -7.04
N HIS B 274 -13.61 10.40 -8.11
CA HIS B 274 -13.57 10.94 -9.45
C HIS B 274 -14.73 10.28 -10.21
N ASP B 275 -15.94 10.60 -9.76
CA ASP B 275 -17.13 9.93 -10.21
C ASP B 275 -17.99 10.79 -11.18
N ALA B 276 -17.36 11.82 -11.78
CA ALA B 276 -18.05 12.68 -12.73
C ALA B 276 -18.54 11.80 -13.87
N PRO B 277 -19.76 12.07 -14.40
CA PRO B 277 -20.23 11.32 -15.56
C PRO B 277 -19.26 11.45 -16.75
N LYS B 278 -19.07 10.34 -17.45
CA LYS B 278 -18.16 10.26 -18.61
C LYS B 278 -18.87 9.50 -19.70
N GLU B 279 -18.89 10.09 -20.88
CA GLU B 279 -19.71 9.62 -21.98
C GLU B 279 -19.41 8.17 -22.34
N SER B 280 -18.11 7.79 -22.29
CA SER B 280 -17.66 6.50 -22.80
C SER B 280 -17.86 5.40 -21.77
N ALA B 281 -18.21 5.80 -20.55
CA ALA B 281 -18.13 4.90 -19.39
C ALA B 281 -19.45 4.60 -18.67
N THR B 282 -19.47 3.43 -18.04
CA THR B 282 -20.53 2.98 -17.17
C THR B 282 -20.34 3.69 -15.81
N ASP B 283 -21.12 4.70 -15.53
CA ASP B 283 -20.83 5.55 -14.39
C ASP B 283 -21.32 5.08 -13.03
N ASN B 284 -22.26 4.17 -13.00
CA ASN B 284 -22.98 3.84 -11.73
C ASN B 284 -23.10 2.38 -11.30
N ILE B 285 -22.10 1.57 -11.62
CA ILE B 285 -22.05 0.18 -11.12
C ILE B 285 -21.21 0.07 -9.85
N VAL B 286 -21.84 -0.43 -8.78
CA VAL B 286 -21.22 -0.64 -7.46
C VAL B 286 -20.86 -2.11 -7.20
N SER B 287 -19.63 -2.37 -6.75
CA SER B 287 -19.27 -3.65 -6.20
C SER B 287 -19.59 -3.60 -4.72
N PHE B 288 -20.69 -4.25 -4.34
CA PHE B 288 -21.02 -4.31 -2.92
C PHE B 288 -20.18 -5.42 -2.25
N ASN B 289 -18.94 -5.06 -1.93
CA ASN B 289 -17.99 -6.00 -1.32
C ASN B 289 -17.86 -5.62 0.19
N ASP B 290 -17.10 -6.39 0.97
CA ASP B 290 -16.91 -6.17 2.42
C ASP B 290 -16.32 -4.82 2.73
N HIS B 291 -15.41 -4.33 1.89
CA HIS B 291 -14.90 -2.98 2.08
C HIS B 291 -15.98 -1.88 1.96
N TYR B 292 -16.70 -1.88 0.83
CA TYR B 292 -17.81 -0.96 0.55
C TYR B 292 -18.88 -0.94 1.68
N ALA B 293 -19.22 -2.13 2.18
CA ALA B 293 -20.17 -2.33 3.27
C ALA B 293 -19.75 -1.76 4.61
N SER B 294 -18.45 -1.68 4.86
CA SER B 294 -17.90 -1.51 6.22
C SER B 294 -17.79 -0.03 6.66
N THR B 295 -18.47 0.28 7.74
CA THR B 295 -18.41 1.61 8.31
C THR B 295 -16.96 1.90 8.72
N ALA B 296 -16.28 0.95 9.39
CA ALA B 296 -14.87 1.18 9.83
C ALA B 296 -13.91 1.45 8.66
N TRP B 297 -13.93 0.65 7.61
CA TRP B 297 -13.02 0.93 6.50
C TRP B 297 -13.24 2.33 5.94
N ASN B 298 -14.49 2.76 5.87
CA ASN B 298 -14.83 3.99 5.19
C ASN B 298 -14.66 5.22 6.06
N LEU B 299 -14.15 5.01 7.27
CA LEU B 299 -13.62 6.14 8.06
C LEU B 299 -12.45 6.74 7.32
N LEU B 300 -11.72 5.90 6.60
CA LEU B 300 -10.53 6.30 5.85
C LEU B 300 -10.94 6.92 4.52
N PRO B 301 -10.18 7.92 4.02
CA PRO B 301 -10.66 8.58 2.80
C PRO B 301 -10.50 7.68 1.57
N PHE B 302 -11.49 7.72 0.69
CA PHE B 302 -11.45 6.94 -0.54
C PHE B 302 -10.35 7.55 -1.45
N SER B 303 -9.36 6.74 -1.84
CA SER B 303 -8.28 7.24 -2.68
C SER B 303 -7.62 6.05 -3.31
N ILE B 304 -7.28 6.16 -4.60
CA ILE B 304 -6.32 5.24 -5.25
C ILE B 304 -5.05 5.00 -4.40
N LEU B 305 -4.77 5.93 -3.46
CA LEU B 305 -3.61 5.85 -2.53
C LEU B 305 -3.83 5.04 -1.23
N ASN B 306 -5.02 4.57 -1.00
CA ASN B 306 -5.39 3.75 0.11
C ASN B 306 -5.54 2.29 -0.39
N ILE B 307 -4.55 1.42 -0.17
CA ILE B 307 -4.44 0.16 -0.84
C ILE B 307 -5.66 -0.75 -0.57
N PRO B 308 -6.22 -0.73 0.67
CA PRO B 308 -7.44 -1.52 0.83
C PRO B 308 -8.55 -1.21 -0.18
N THR B 309 -8.61 0.01 -0.72
CA THR B 309 -9.77 0.33 -1.59
C THR B 309 -9.63 -0.47 -2.89
N TRP B 310 -8.42 -0.97 -3.15
CA TRP B 310 -8.07 -1.76 -4.30
C TRP B 310 -8.77 -3.14 -4.39
N ILE B 311 -9.38 -3.59 -3.28
CA ILE B 311 -10.27 -4.78 -3.33
C ILE B 311 -11.30 -4.63 -4.48
N SER B 312 -11.84 -3.43 -4.66
CA SER B 312 -12.85 -3.23 -5.71
C SER B 312 -12.26 -3.25 -7.09
N HIS B 313 -10.93 -3.30 -7.19
CA HIS B 313 -10.26 -3.30 -8.51
C HIS B 313 -9.99 -4.69 -9.09
N LEU B 314 -10.04 -5.72 -8.25
CA LEU B 314 -9.51 -7.03 -8.61
C LEU B 314 -10.36 -7.71 -9.67
N PRO B 315 -9.70 -8.36 -10.63
CA PRO B 315 -10.39 -8.89 -11.84
C PRO B 315 -11.43 -9.96 -11.63
N THR B 316 -11.23 -10.89 -10.70
CA THR B 316 -12.25 -11.95 -10.47
C THR B 316 -13.62 -11.38 -10.06
N ALA B 317 -13.63 -10.37 -9.22
CA ALA B 317 -14.87 -9.75 -8.85
C ALA B 317 -15.49 -8.97 -10.05
N TYR B 318 -14.66 -8.51 -10.98
CA TYR B 318 -15.13 -7.97 -12.28
C TYR B 318 -15.83 -9.07 -13.09
N GLY B 319 -15.12 -10.15 -13.33
CA GLY B 319 -15.71 -11.27 -14.09
C GLY B 319 -16.98 -11.81 -13.48
N ASP B 320 -16.91 -12.11 -12.19
CA ASP B 320 -18.03 -12.70 -11.47
C ASP B 320 -19.25 -11.79 -11.27
N GLY B 321 -19.03 -10.57 -10.78
CA GLY B 321 -20.13 -9.58 -10.64
C GLY B 321 -20.85 -9.24 -11.95
N MET B 322 -20.04 -8.91 -12.94
CA MET B 322 -20.58 -8.41 -14.17
C MET B 322 -21.13 -9.52 -15.02
N ASN B 323 -20.67 -10.75 -14.81
CA ASN B 323 -21.35 -11.88 -15.43
C ASN B 323 -22.80 -11.97 -14.88
N ARG B 324 -22.95 -11.86 -13.57
CA ARG B 324 -24.34 -11.86 -12.99
C ARG B 324 -25.21 -10.74 -13.57
N ILE B 325 -24.62 -9.56 -13.84
CA ILE B 325 -25.30 -8.48 -14.56
C ILE B 325 -25.74 -8.92 -15.95
N ILE B 326 -24.80 -9.48 -16.74
CA ILE B 326 -25.09 -10.03 -18.09
C ILE B 326 -26.28 -11.05 -18.05
N GLU B 327 -26.31 -11.86 -16.99
CA GLU B 327 -27.35 -12.90 -16.80
C GLU B 327 -28.70 -12.43 -16.20
N SER B 328 -28.76 -11.18 -15.71
CA SER B 328 -29.89 -10.74 -14.89
C SER B 328 -31.18 -10.79 -15.72
N LYS B 329 -32.31 -11.15 -15.09
CA LYS B 329 -33.64 -11.01 -15.76
C LYS B 329 -34.02 -9.57 -15.98
N PHE B 330 -33.31 -8.67 -15.28
CA PHE B 330 -33.46 -7.23 -15.46
C PHE B 330 -32.51 -6.60 -16.49
N TYR B 331 -31.61 -7.40 -17.08
CA TYR B 331 -30.54 -6.86 -17.97
C TYR B 331 -31.07 -5.87 -19.00
N ASP B 332 -32.11 -6.26 -19.71
CA ASP B 332 -32.55 -5.41 -20.78
C ASP B 332 -33.32 -4.14 -20.38
N LEU B 333 -33.53 -3.91 -19.06
CA LEU B 333 -34.06 -2.63 -18.49
C LEU B 333 -33.00 -1.60 -18.31
N THR B 334 -31.75 -2.07 -18.25
CA THR B 334 -30.62 -1.23 -17.84
C THR B 334 -30.07 -0.50 -19.02
N SER B 335 -29.37 0.60 -18.76
CA SER B 335 -28.64 1.33 -19.81
C SER B 335 -27.31 1.71 -19.20
N LYS B 336 -26.44 2.34 -19.98
CA LYS B 336 -25.01 2.58 -19.67
C LYS B 336 -24.78 3.17 -18.27
N ASP B 337 -25.58 4.16 -17.94
CA ASP B 337 -25.46 4.83 -16.67
C ASP B 337 -26.51 4.43 -15.60
N SER B 338 -27.10 3.24 -15.73
CA SER B 338 -28.02 2.70 -14.71
C SER B 338 -27.28 2.46 -13.38
N THR B 339 -27.97 2.78 -12.28
CA THR B 339 -27.46 2.47 -10.98
C THR B 339 -27.63 0.96 -10.74
N ILE B 340 -26.53 0.23 -10.63
CA ILE B 340 -26.53 -1.22 -10.44
C ILE B 340 -25.60 -1.64 -9.27
N ILE B 341 -26.19 -2.33 -8.28
CA ILE B 341 -25.47 -2.76 -7.07
C ILE B 341 -25.24 -4.28 -7.19
N VAL B 342 -23.99 -4.70 -7.12
CA VAL B 342 -23.68 -6.11 -7.33
C VAL B 342 -23.29 -6.76 -6.00
N ALA B 343 -23.99 -7.82 -5.62
CA ALA B 343 -23.62 -8.54 -4.38
C ALA B 343 -22.25 -9.25 -4.51
N ASN B 344 -21.27 -8.70 -3.77
CA ASN B 344 -19.89 -9.15 -3.84
C ASN B 344 -19.26 -9.44 -2.45
N LEU B 345 -20.08 -9.80 -1.48
CA LEU B 345 -19.67 -9.99 -0.10
C LEU B 345 -18.97 -11.30 0.07
N SER B 346 -18.08 -11.35 1.06
CA SER B 346 -17.48 -12.61 1.52
C SER B 346 -18.57 -13.46 2.23
N ASP B 347 -18.32 -14.76 2.39
CA ASP B 347 -19.23 -15.67 3.09
C ASP B 347 -19.62 -15.20 4.49
N PRO B 348 -18.63 -14.80 5.35
CA PRO B 348 -19.04 -14.26 6.64
C PRO B 348 -19.78 -12.92 6.61
N ALA B 349 -19.41 -11.99 5.73
CA ALA B 349 -20.20 -10.73 5.53
C ALA B 349 -21.63 -10.94 4.98
N ARG B 350 -21.77 -11.89 4.06
CA ARG B 350 -23.07 -12.20 3.41
C ARG B 350 -24.17 -12.63 4.41
N ALA B 351 -23.77 -13.36 5.47
CA ALA B 351 -24.73 -13.89 6.45
C ALA B 351 -25.31 -12.73 7.31
N ASN B 352 -24.64 -11.59 7.39
CA ASN B 352 -25.18 -10.52 8.28
C ASN B 352 -25.19 -9.07 7.74
N THR B 353 -24.89 -8.90 6.47
CA THR B 353 -24.87 -7.54 5.88
C THR B 353 -25.93 -7.46 4.81
N TRP B 354 -26.71 -6.38 4.86
CA TRP B 354 -27.72 -6.09 3.82
C TRP B 354 -27.08 -5.40 2.58
N VAL B 355 -27.28 -5.98 1.39
CA VAL B 355 -26.80 -5.40 0.14
C VAL B 355 -27.78 -4.25 -0.26
N GLN B 356 -27.26 -3.05 -0.42
CA GLN B 356 -28.11 -1.88 -0.61
C GLN B 356 -27.26 -0.80 -1.24
N ASP B 357 -27.94 0.19 -1.81
CA ASP B 357 -27.29 1.33 -2.37
C ASP B 357 -26.96 2.30 -1.25
N LEU B 358 -25.71 2.25 -0.75
CA LEU B 358 -25.23 3.18 0.26
C LEU B 358 -24.86 4.52 -0.38
N ASN B 359 -24.70 4.51 -1.70
CA ASN B 359 -24.23 5.66 -2.46
C ASN B 359 -22.86 6.19 -1.89
N ARG B 360 -22.01 5.32 -1.30
CA ARG B 360 -20.76 5.82 -0.65
C ARG B 360 -19.87 6.33 -1.77
N ASN B 361 -19.16 7.42 -1.53
CA ASN B 361 -17.97 7.77 -2.30
C ASN B 361 -18.26 7.85 -3.79
N ALA B 362 -19.39 8.51 -4.07
CA ALA B 362 -20.00 8.58 -5.39
C ALA B 362 -21.04 9.73 -5.49
N GLU B 363 -21.19 10.27 -6.70
CA GLU B 363 -22.24 11.23 -6.93
C GLU B 363 -23.61 10.59 -6.66
N THR B 364 -24.55 11.38 -6.13
CA THR B 364 -25.96 10.92 -5.97
C THR B 364 -26.52 10.12 -7.15
N HIS B 365 -27.05 8.95 -6.82
CA HIS B 365 -27.61 8.06 -7.80
C HIS B 365 -29.04 8.56 -8.09
N LYS B 366 -29.38 8.58 -9.38
CA LYS B 366 -30.71 8.99 -9.83
C LYS B 366 -31.38 7.83 -10.56
N GLY B 367 -32.71 7.86 -10.58
CA GLY B 367 -33.48 6.90 -11.35
C GLY B 367 -33.62 5.60 -10.56
N SER B 368 -34.10 4.55 -11.22
CA SER B 368 -34.34 3.30 -10.57
C SER B 368 -33.03 2.63 -10.20
N THR B 369 -33.08 1.77 -9.19
CA THR B 369 -31.92 1.01 -8.74
C THR B 369 -32.04 -0.51 -8.97
N PHE B 370 -31.01 -1.08 -9.62
CA PHE B 370 -30.94 -2.53 -9.79
C PHE B 370 -30.00 -3.18 -8.77
N ILE B 371 -30.49 -4.17 -8.04
CA ILE B 371 -29.62 -4.89 -7.06
C ILE B 371 -29.60 -6.35 -7.45
N ILE B 372 -28.41 -6.82 -7.77
CA ILE B 372 -28.17 -8.17 -8.25
C ILE B 372 -27.50 -9.06 -7.18
N GLY B 373 -28.14 -10.20 -6.88
CA GLY B 373 -27.72 -11.06 -5.77
C GLY B 373 -26.67 -12.09 -6.22
N SER B 374 -26.33 -13.02 -5.34
CA SER B 374 -25.44 -14.11 -5.65
C SER B 374 -26.27 -15.38 -5.71
N ASP B 375 -25.64 -16.47 -6.09
CA ASP B 375 -26.23 -17.77 -6.02
C ASP B 375 -26.22 -18.39 -4.63
N SER B 376 -25.81 -17.63 -3.63
CA SER B 376 -25.97 -18.02 -2.21
C SER B 376 -27.15 -17.25 -1.55
N ASN B 377 -27.34 -17.48 -0.25
CA ASN B 377 -28.40 -16.85 0.51
C ASN B 377 -27.94 -15.42 0.76
N ASP B 378 -28.68 -14.47 0.21
CA ASP B 378 -28.41 -13.02 0.32
C ASP B 378 -29.42 -12.27 1.24
N LEU B 379 -28.97 -11.11 1.76
CA LEU B 379 -29.86 -10.15 2.39
C LEU B 379 -29.80 -8.94 1.51
N ILE B 380 -30.95 -8.56 0.94
CA ILE B 380 -31.03 -7.49 -0.07
C ILE B 380 -32.08 -6.47 0.38
N GLN B 381 -31.64 -5.21 0.43
CA GLN B 381 -32.39 -4.09 0.93
C GLN B 381 -32.54 -3.06 -0.20
N GLY B 382 -33.75 -2.98 -0.73
CA GLY B 382 -34.09 -1.96 -1.67
C GLY B 382 -34.31 -0.65 -0.96
N GLY B 383 -34.17 0.48 -1.68
CA GLY B 383 -34.37 1.78 -1.08
C GLY B 383 -35.80 2.30 -1.11
N SER B 384 -35.94 3.56 -0.72
CA SER B 384 -37.26 4.21 -0.62
C SER B 384 -37.74 4.64 -2.00
N GLY B 385 -36.84 4.71 -2.97
CA GLY B 385 -37.19 4.92 -4.39
C GLY B 385 -37.58 3.63 -5.13
N ASN B 386 -37.38 3.59 -6.44
CA ASN B 386 -37.83 2.43 -7.20
C ASN B 386 -36.74 1.37 -7.43
N ASP B 387 -37.01 0.11 -7.07
CA ASP B 387 -35.98 -0.94 -7.12
C ASP B 387 -36.35 -2.18 -7.88
N TYR B 388 -35.30 -2.77 -8.47
CA TYR B 388 -35.36 -4.05 -9.14
C TYR B 388 -34.39 -4.96 -8.38
N LEU B 389 -34.96 -5.87 -7.59
CA LEU B 389 -34.19 -6.78 -6.74
C LEU B 389 -34.22 -8.20 -7.25
N GLU B 390 -33.02 -8.78 -7.36
CA GLU B 390 -32.85 -10.11 -7.93
C GLU B 390 -32.02 -11.01 -7.00
N GLY B 391 -32.70 -12.00 -6.45
CA GLY B 391 -32.08 -12.95 -5.54
C GLY B 391 -31.13 -13.91 -6.22
N ARG B 392 -31.45 -14.33 -7.46
CA ARG B 392 -30.77 -15.52 -8.05
C ARG B 392 -30.98 -16.79 -7.17
N ALA B 393 -30.14 -17.80 -7.32
CA ALA B 393 -30.27 -18.99 -6.49
C ALA B 393 -30.05 -18.70 -4.99
N GLY B 394 -30.29 -19.68 -4.14
CA GLY B 394 -30.07 -19.50 -2.69
C GLY B 394 -31.31 -19.01 -2.00
N ASN B 395 -31.39 -19.25 -0.68
CA ASN B 395 -32.54 -18.82 0.12
C ASN B 395 -32.45 -17.33 0.46
N ASP B 396 -33.14 -16.49 -0.30
CA ASP B 396 -32.86 -15.03 -0.13
C ASP B 396 -33.89 -14.30 0.69
N THR B 397 -33.47 -13.19 1.32
CA THR B 397 -34.38 -12.32 2.07
C THR B 397 -34.30 -10.88 1.56
N PHE B 398 -35.47 -10.31 1.31
CA PHE B 398 -35.60 -8.98 0.84
C PHE B 398 -36.26 -8.06 1.84
N ARG B 399 -35.72 -6.84 1.88
CA ARG B 399 -36.39 -5.69 2.41
C ARG B 399 -36.36 -4.60 1.36
N ASP B 400 -37.24 -3.62 1.55
CA ASP B 400 -37.35 -2.51 0.61
C ASP B 400 -38.08 -1.36 1.27
N GLY B 401 -37.53 -0.15 1.13
CA GLY B 401 -38.01 1.07 1.84
C GLY B 401 -39.20 1.81 1.24
N GLY B 402 -39.73 1.33 0.12
CA GLY B 402 -40.95 1.92 -0.43
C GLY B 402 -40.82 2.13 -1.94
N GLY B 403 -41.74 2.88 -2.53
CA GLY B 403 -41.72 3.05 -3.99
C GLY B 403 -42.34 1.93 -4.81
N TYR B 404 -41.90 1.82 -6.06
CA TYR B 404 -42.47 0.86 -6.97
C TYR B 404 -41.36 -0.09 -7.34
N ASN B 405 -41.60 -1.37 -7.21
CA ASN B 405 -40.46 -2.33 -7.25
C ASN B 405 -40.83 -3.59 -7.95
N VAL B 406 -39.80 -4.23 -8.54
CA VAL B 406 -39.89 -5.62 -8.93
C VAL B 406 -38.88 -6.45 -8.12
N ILE B 407 -39.37 -7.49 -7.45
CA ILE B 407 -38.52 -8.33 -6.61
C ILE B 407 -38.66 -9.78 -7.10
N LEU B 408 -37.59 -10.28 -7.69
CA LEU B 408 -37.56 -11.67 -8.18
C LEU B 408 -36.76 -12.51 -7.20
N GLY B 409 -37.43 -13.40 -6.49
CA GLY B 409 -36.81 -14.27 -5.52
C GLY B 409 -35.77 -15.21 -6.10
N GLY B 410 -35.86 -15.58 -7.41
CA GLY B 410 -34.98 -16.63 -8.03
C GLY B 410 -35.33 -18.00 -7.53
N ALA B 411 -34.47 -19.00 -7.75
CA ALA B 411 -34.65 -20.30 -7.11
C ALA B 411 -34.47 -20.15 -5.56
N GLY B 412 -34.74 -21.23 -4.82
CA GLY B 412 -34.67 -21.24 -3.36
C GLY B 412 -35.97 -20.85 -2.63
N ASN B 413 -35.89 -20.89 -1.32
CA ASN B 413 -36.97 -20.47 -0.44
C ASN B 413 -36.74 -19.03 -0.03
N ASN B 414 -37.44 -18.12 -0.72
CA ASN B 414 -37.21 -16.68 -0.54
C ASN B 414 -38.28 -15.96 0.34
N THR B 415 -37.88 -14.87 0.96
CA THR B 415 -38.69 -14.19 1.97
C THR B 415 -38.64 -12.70 1.70
N LEU B 416 -39.83 -12.07 1.74
CA LEU B 416 -39.97 -10.64 1.78
C LEU B 416 -40.37 -10.19 3.18
N ASP B 417 -39.45 -9.46 3.81
CA ASP B 417 -39.64 -8.91 5.14
C ASP B 417 -40.16 -7.48 5.02
N LEU B 418 -41.44 -7.32 5.27
CA LEU B 418 -42.08 -5.98 5.26
C LEU B 418 -41.80 -5.08 6.45
N GLN B 419 -41.27 -5.65 7.54
CA GLN B 419 -40.86 -4.86 8.74
C GLN B 419 -41.94 -3.98 9.39
N LYS B 420 -43.23 -4.21 9.06
CA LYS B 420 -44.40 -3.52 9.65
C LYS B 420 -45.61 -4.46 9.64
N SER B 421 -46.69 -4.06 10.32
CA SER B 421 -47.95 -4.85 10.29
C SER B 421 -48.52 -5.17 8.90
N VAL B 422 -48.94 -6.42 8.76
CA VAL B 422 -49.69 -6.86 7.61
C VAL B 422 -50.90 -5.93 7.30
N ASN B 423 -51.41 -5.24 8.32
CA ASN B 423 -52.60 -4.37 8.16
C ASN B 423 -52.34 -3.10 7.37
N THR B 424 -51.07 -2.75 7.14
CA THR B 424 -50.72 -1.57 6.36
C THR B 424 -50.44 -1.91 4.88
N PHE B 425 -50.74 -3.15 4.45
CA PHE B 425 -50.51 -3.58 3.06
C PHE B 425 -51.75 -4.21 2.50
N ASP B 426 -51.92 -4.03 1.19
CA ASP B 426 -52.87 -4.79 0.37
C ASP B 426 -52.08 -5.83 -0.46
N PHE B 427 -52.71 -6.98 -0.69
CA PHE B 427 -52.10 -8.08 -1.42
C PHE B 427 -53.03 -8.55 -2.56
N ALA B 428 -52.44 -8.81 -3.72
CA ALA B 428 -53.16 -9.34 -4.86
C ALA B 428 -52.30 -10.40 -5.53
N ASN B 429 -52.96 -11.22 -6.34
CA ASN B 429 -52.32 -12.36 -6.96
C ASN B 429 -53.10 -12.67 -8.26
N ASP B 430 -52.41 -12.58 -9.38
CA ASP B 430 -53.02 -12.87 -10.67
C ASP B 430 -53.13 -14.38 -10.99
N GLY B 431 -52.66 -15.25 -10.09
CA GLY B 431 -52.65 -16.71 -10.36
C GLY B 431 -51.60 -17.16 -11.40
N ALA B 432 -50.85 -16.19 -11.96
CA ALA B 432 -49.81 -16.51 -12.96
C ALA B 432 -48.40 -16.40 -12.37
N GLY B 433 -48.29 -16.42 -11.03
CA GLY B 433 -46.99 -16.29 -10.34
C GLY B 433 -46.59 -14.92 -9.81
N ASN B 434 -47.43 -13.92 -10.07
CA ASN B 434 -47.15 -12.57 -9.61
C ASN B 434 -47.96 -12.27 -8.34
N LEU B 435 -47.23 -12.08 -7.24
CA LEU B 435 -47.82 -11.58 -6.01
C LEU B 435 -47.56 -10.07 -5.95
N TYR B 436 -48.62 -9.28 -5.81
CA TYR B 436 -48.47 -7.83 -5.77
C TYR B 436 -48.59 -7.33 -4.33
N VAL B 437 -47.67 -6.46 -3.91
CA VAL B 437 -47.72 -5.92 -2.55
C VAL B 437 -47.88 -4.41 -2.64
N ARG B 438 -48.98 -3.89 -2.12
CA ARG B 438 -49.20 -2.45 -2.10
C ARG B 438 -49.14 -1.88 -0.66
N ASP B 439 -48.22 -0.93 -0.45
CA ASP B 439 -48.02 -0.26 0.88
C ASP B 439 -49.07 0.86 1.16
N ALA B 440 -49.02 1.45 2.35
CA ALA B 440 -49.99 2.48 2.77
C ALA B 440 -49.97 3.75 1.89
N ASN B 441 -48.89 3.95 1.14
CA ASN B 441 -48.73 5.08 0.22
C ASN B 441 -49.06 4.80 -1.24
N GLY B 442 -49.58 3.62 -1.55
CA GLY B 442 -49.83 3.29 -2.92
C GLY B 442 -48.67 2.67 -3.69
N GLY B 443 -47.48 2.59 -3.09
CA GLY B 443 -46.32 1.96 -3.76
C GLY B 443 -46.55 0.48 -4.04
N ILE B 444 -46.33 0.05 -5.29
CA ILE B 444 -46.49 -1.37 -5.65
C ILE B 444 -45.18 -2.15 -5.90
N SER B 445 -45.07 -3.31 -5.26
CA SER B 445 -44.05 -4.28 -5.59
C SER B 445 -44.67 -5.48 -6.32
N ILE B 446 -44.14 -5.81 -7.50
CA ILE B 446 -44.42 -7.04 -8.16
C ILE B 446 -43.34 -8.03 -7.75
N THR B 447 -43.79 -9.14 -7.17
CA THR B 447 -42.90 -10.19 -6.71
C THR B 447 -43.21 -11.53 -7.38
N ARG B 448 -42.17 -12.32 -7.57
CA ARG B 448 -42.25 -13.68 -8.11
C ARG B 448 -41.34 -14.52 -7.22
N ASP B 449 -41.76 -15.78 -7.04
CA ASP B 449 -40.92 -16.78 -6.39
C ASP B 449 -40.58 -16.44 -4.92
N ILE B 450 -41.43 -15.60 -4.32
CA ILE B 450 -41.37 -15.36 -2.87
C ILE B 450 -42.54 -16.06 -2.21
N GLY B 451 -42.22 -17.15 -1.51
CA GLY B 451 -43.19 -18.02 -0.81
C GLY B 451 -43.51 -17.56 0.63
N SER B 452 -42.68 -16.66 1.20
CA SER B 452 -42.86 -16.22 2.59
C SER B 452 -42.90 -14.68 2.71
N ILE B 453 -43.89 -14.19 3.42
CA ILE B 453 -43.93 -12.79 3.80
C ILE B 453 -43.78 -12.66 5.30
N VAL B 454 -42.81 -11.83 5.71
CA VAL B 454 -42.64 -11.44 7.09
C VAL B 454 -43.20 -10.05 7.43
N THR B 455 -43.99 -10.04 8.49
CA THR B 455 -44.53 -8.80 9.03
C THR B 455 -44.13 -8.62 10.53
N LYS B 456 -44.18 -7.36 10.98
CA LYS B 456 -43.84 -7.00 12.38
C LYS B 456 -45.16 -6.56 12.97
N GLU B 457 -45.71 -7.32 13.92
CA GLU B 457 -47.05 -7.10 14.46
C GLU B 457 -46.98 -6.70 15.94
N PRO B 458 -47.87 -5.83 16.35
CA PRO B 458 -48.10 -5.60 17.77
C PRO B 458 -48.31 -6.85 18.59
N GLY B 459 -47.59 -6.91 19.69
CA GLY B 459 -47.36 -8.10 20.46
C GLY B 459 -47.67 -7.87 21.91
N PHE B 460 -46.90 -8.44 22.81
CA PHE B 460 -47.24 -8.48 24.21
C PHE B 460 -47.19 -7.11 24.90
N LEU B 461 -47.91 -7.01 26.01
CA LEU B 461 -48.20 -5.78 26.73
C LEU B 461 -48.72 -4.76 25.75
N TRP B 462 -49.82 -5.14 25.09
CA TRP B 462 -50.64 -4.25 24.27
C TRP B 462 -49.76 -3.50 23.22
N GLY B 463 -48.83 -4.22 22.62
CA GLY B 463 -48.00 -3.68 21.54
C GLY B 463 -46.68 -3.06 21.99
N LEU B 464 -46.36 -3.11 23.28
CA LEU B 464 -45.01 -2.71 23.71
C LEU B 464 -44.00 -3.60 23.01
N PHE B 465 -44.24 -4.91 23.03
CA PHE B 465 -43.38 -5.82 22.28
C PHE B 465 -44.02 -6.13 20.92
N LYS B 466 -43.18 -6.51 19.98
CA LYS B 466 -43.57 -6.70 18.61
C LYS B 466 -43.27 -8.16 18.28
N ASP B 467 -44.16 -8.77 17.48
CA ASP B 467 -44.03 -10.16 17.07
C ASP B 467 -43.63 -10.15 15.60
N ASP B 468 -42.71 -11.02 15.24
CA ASP B 468 -42.46 -11.28 13.84
C ASP B 468 -43.18 -12.51 13.43
N VAL B 469 -44.09 -12.30 12.47
CA VAL B 469 -45.00 -13.29 11.93
C VAL B 469 -44.58 -13.54 10.47
N THR B 470 -44.39 -14.82 10.15
CA THR B 470 -44.12 -15.35 8.81
C THR B 470 -45.38 -15.99 8.18
N HIS B 471 -45.85 -15.36 7.11
CA HIS B 471 -47.03 -15.82 6.40
C HIS B 471 -46.62 -16.61 5.10
N SER B 472 -47.32 -17.68 4.79
CA SER B 472 -47.05 -18.41 3.54
C SER B 472 -47.95 -17.88 2.46
N VAL B 473 -47.39 -17.72 1.27
CA VAL B 473 -48.14 -17.23 0.10
C VAL B 473 -48.84 -18.43 -0.55
N THR B 474 -50.17 -18.40 -0.57
CA THR B 474 -50.94 -19.52 -1.08
C THR B 474 -51.98 -18.94 -2.04
N ALA B 475 -52.73 -19.82 -2.71
CA ALA B 475 -53.83 -19.39 -3.60
C ALA B 475 -54.90 -18.58 -2.87
N SER B 476 -55.20 -18.91 -1.61
CA SER B 476 -56.29 -18.25 -0.92
C SER B 476 -55.94 -17.00 -0.09
N GLY B 477 -54.65 -16.69 0.04
CA GLY B 477 -54.17 -15.55 0.82
C GLY B 477 -52.79 -15.78 1.43
N LEU B 478 -52.35 -14.87 2.28
CA LEU B 478 -51.20 -15.10 3.09
C LEU B 478 -51.67 -15.90 4.26
N LYS B 479 -51.00 -16.96 4.60
CA LYS B 479 -51.45 -17.81 5.64
C LYS B 479 -50.46 -18.01 6.77
N VAL B 480 -50.92 -17.79 7.96
CA VAL B 480 -50.19 -18.22 9.11
C VAL B 480 -50.94 -19.13 10.04
N GLY B 481 -50.63 -20.39 10.04
CA GLY B 481 -51.48 -21.29 10.78
C GLY B 481 -52.90 -21.20 10.33
N SER B 482 -53.82 -20.81 11.20
CA SER B 482 -55.24 -20.73 10.83
C SER B 482 -55.64 -19.37 10.28
N ASN B 483 -54.76 -18.40 10.38
CA ASN B 483 -55.11 -17.07 9.90
C ASN B 483 -54.77 -16.81 8.42
N VAL B 484 -55.79 -16.44 7.66
CA VAL B 484 -55.67 -16.05 6.26
C VAL B 484 -55.85 -14.54 6.10
N THR B 485 -54.83 -13.87 5.56
CA THR B 485 -54.92 -12.51 5.05
C THR B 485 -55.35 -12.68 3.59
N GLN B 486 -56.56 -12.24 3.36
CA GLN B 486 -57.23 -12.24 2.08
C GLN B 486 -56.56 -11.44 0.96
N TYR B 487 -56.53 -11.97 -0.26
CA TYR B 487 -56.19 -11.07 -1.36
C TYR B 487 -57.31 -10.07 -1.63
N ASP B 488 -56.95 -8.87 -2.05
CA ASP B 488 -57.89 -7.92 -2.57
C ASP B 488 -58.80 -8.53 -3.68
N ALA B 489 -60.07 -8.16 -3.71
CA ALA B 489 -61.03 -8.67 -4.73
C ALA B 489 -60.45 -8.61 -6.16
N SER B 490 -60.61 -9.69 -6.91
CA SER B 490 -60.01 -9.88 -8.22
C SER B 490 -60.98 -10.45 -9.19
N VAL B 491 -60.86 -10.05 -10.46
CA VAL B 491 -61.27 -10.91 -11.58
C VAL B 491 -60.04 -11.31 -12.39
N LYS B 492 -59.87 -12.63 -12.57
CA LYS B 492 -58.81 -13.22 -13.39
C LYS B 492 -59.32 -13.67 -14.76
N GLY B 493 -58.61 -13.24 -15.80
CA GLY B 493 -58.88 -13.70 -17.16
C GLY B 493 -58.15 -14.99 -17.46
N THR B 494 -57.83 -15.15 -18.74
CA THR B 494 -57.22 -16.36 -19.28
C THR B 494 -56.10 -15.93 -20.23
N ASN B 495 -55.30 -16.88 -20.72
CA ASN B 495 -54.31 -16.49 -21.73
C ASN B 495 -54.89 -16.21 -23.12
N GLY B 496 -56.20 -16.38 -23.31
CA GLY B 496 -56.86 -15.98 -24.58
C GLY B 496 -57.57 -14.65 -24.40
N ALA B 497 -58.26 -14.12 -25.41
CA ALA B 497 -58.99 -12.86 -25.23
C ALA B 497 -60.18 -12.93 -24.25
N ASP B 498 -60.23 -11.98 -23.32
CA ASP B 498 -61.24 -11.94 -22.26
C ASP B 498 -61.88 -10.60 -22.17
N THR B 499 -63.13 -10.61 -21.73
CA THR B 499 -63.80 -9.41 -21.29
C THR B 499 -63.97 -9.62 -19.79
N LEU B 500 -63.49 -8.70 -18.97
CA LEU B 500 -63.58 -8.80 -17.52
C LEU B 500 -64.25 -7.56 -16.94
N LYS B 501 -65.19 -7.77 -16.01
CA LYS B 501 -65.97 -6.65 -15.42
C LYS B 501 -65.71 -6.49 -13.93
N ALA B 502 -65.38 -5.28 -13.50
CA ALA B 502 -65.25 -5.07 -12.08
C ALA B 502 -66.63 -4.78 -11.44
N HIS B 503 -66.87 -5.43 -10.30
CA HIS B 503 -67.90 -5.07 -9.29
C HIS B 503 -67.70 -3.65 -8.82
N ALA B 504 -68.77 -3.01 -8.34
CA ALA B 504 -68.67 -1.60 -7.97
C ALA B 504 -67.80 -1.32 -6.75
N GLY B 505 -67.53 -2.35 -5.93
CA GLY B 505 -66.64 -2.18 -4.77
C GLY B 505 -65.18 -1.93 -5.17
N GLY B 506 -64.82 -2.32 -6.39
CA GLY B 506 -63.45 -2.13 -6.93
C GLY B 506 -62.75 -3.47 -7.04
N ASP B 507 -62.16 -3.76 -8.19
CA ASP B 507 -61.34 -4.98 -8.35
C ASP B 507 -59.97 -4.75 -9.00
N TRP B 508 -59.08 -5.70 -8.74
CA TRP B 508 -57.87 -5.88 -9.53
C TRP B 508 -58.34 -6.70 -10.71
N LEU B 509 -58.08 -6.16 -11.90
CA LEU B 509 -58.48 -6.82 -13.13
C LEU B 509 -57.27 -7.39 -13.89
N PHE B 510 -57.11 -8.71 -13.86
CA PHE B 510 -55.94 -9.37 -14.47
C PHE B 510 -56.26 -9.98 -15.85
N GLY B 511 -55.96 -9.25 -16.92
CA GLY B 511 -56.19 -9.74 -18.28
C GLY B 511 -55.34 -10.95 -18.65
N LEU B 512 -54.08 -10.99 -18.24
CA LEU B 512 -53.13 -11.97 -18.74
C LEU B 512 -52.91 -11.84 -20.26
N ASP B 513 -52.45 -12.91 -20.91
CA ASP B 513 -52.03 -12.88 -22.32
C ASP B 513 -53.32 -12.67 -23.11
N GLY B 514 -53.17 -12.25 -24.36
CA GLY B 514 -54.29 -12.07 -25.27
C GLY B 514 -54.74 -10.62 -25.21
N ASN B 515 -55.61 -10.21 -26.13
CA ASN B 515 -56.16 -8.84 -26.12
C ASN B 515 -57.47 -8.85 -25.37
N ASP B 516 -57.47 -8.14 -24.24
CA ASP B 516 -58.51 -8.26 -23.28
C ASP B 516 -59.26 -6.97 -23.24
N HIS B 517 -60.51 -7.09 -22.78
CA HIS B 517 -61.37 -5.93 -22.57
C HIS B 517 -61.68 -5.92 -21.06
N LEU B 518 -61.14 -4.92 -20.38
CA LEU B 518 -61.26 -4.82 -18.95
C LEU B 518 -62.21 -3.72 -18.63
N ILE B 519 -63.38 -4.04 -18.08
CA ILE B 519 -64.35 -2.98 -17.80
C ILE B 519 -64.36 -2.63 -16.31
N GLY B 520 -63.94 -1.40 -16.01
CA GLY B 520 -63.92 -0.96 -14.60
C GLY B 520 -65.32 -0.54 -14.15
N GLY B 521 -65.45 -0.17 -12.88
CA GLY B 521 -66.73 0.21 -12.31
C GLY B 521 -66.56 1.52 -11.58
N VAL B 522 -67.52 1.92 -10.76
CA VAL B 522 -67.42 3.24 -10.07
C VAL B 522 -66.39 3.23 -8.90
N GLY B 523 -65.96 2.01 -8.53
CA GLY B 523 -64.94 1.78 -7.51
C GLY B 523 -63.52 2.04 -7.98
N ASN B 524 -62.57 1.92 -7.07
CA ASN B 524 -61.16 2.11 -7.37
C ASN B 524 -60.57 0.81 -7.88
N ASP B 525 -60.31 0.73 -9.18
CA ASP B 525 -59.87 -0.54 -9.77
C ASP B 525 -58.37 -0.47 -10.04
N VAL B 526 -57.77 -1.64 -10.13
CA VAL B 526 -56.38 -1.75 -10.52
C VAL B 526 -56.43 -2.63 -11.77
N PHE B 527 -55.97 -2.08 -12.88
CA PHE B 527 -56.01 -2.71 -14.19
C PHE B 527 -54.62 -3.25 -14.51
N VAL B 528 -54.56 -4.51 -14.89
CA VAL B 528 -53.35 -5.10 -15.36
C VAL B 528 -53.68 -5.81 -16.65
N GLY B 529 -53.61 -5.07 -17.74
CA GLY B 529 -53.89 -5.61 -19.03
C GLY B 529 -53.10 -6.86 -19.32
N GLY B 530 -51.86 -6.91 -18.85
CA GLY B 530 -50.99 -8.04 -19.11
C GLY B 530 -50.47 -7.93 -20.52
N ALA B 531 -49.88 -9.03 -20.98
CA ALA B 531 -49.39 -9.12 -22.38
C ALA B 531 -50.55 -9.00 -23.37
N GLY B 532 -50.27 -8.46 -24.56
CA GLY B 532 -51.25 -8.32 -25.59
C GLY B 532 -51.82 -6.92 -25.62
N ASN B 533 -52.71 -6.67 -26.59
CA ASN B 533 -53.25 -5.34 -26.77
C ASN B 533 -54.58 -5.20 -26.07
N ASP B 534 -54.63 -4.45 -24.97
CA ASP B 534 -55.84 -4.46 -24.12
C ASP B 534 -56.63 -3.19 -24.13
N LEU B 535 -57.94 -3.33 -24.01
CA LEU B 535 -58.82 -2.16 -23.89
C LEU B 535 -59.35 -2.12 -22.47
N MET B 536 -59.06 -0.99 -21.82
CA MET B 536 -59.33 -0.81 -20.42
C MET B 536 -60.11 0.50 -20.14
N GLU B 537 -61.37 0.38 -19.67
CA GLU B 537 -62.14 1.57 -19.30
C GLU B 537 -62.29 1.74 -17.79
N SER B 538 -61.99 2.94 -17.28
CA SER B 538 -62.14 3.31 -15.85
C SER B 538 -63.49 2.98 -15.13
N GLY B 539 -64.59 3.55 -15.65
CA GLY B 539 -65.88 3.38 -15.01
C GLY B 539 -66.04 4.40 -13.91
N GLY B 540 -65.00 5.18 -13.65
CA GLY B 540 -65.03 6.18 -12.56
C GLY B 540 -64.16 5.78 -11.36
N GLY B 541 -64.35 6.44 -10.24
CA GLY B 541 -63.51 6.20 -9.07
C GLY B 541 -62.05 6.60 -9.29
N ALA B 542 -61.17 6.07 -8.44
CA ALA B 542 -59.74 6.42 -8.50
C ALA B 542 -58.94 5.15 -8.83
N ASP B 543 -58.60 5.02 -10.11
CA ASP B 543 -58.06 3.81 -10.75
C ASP B 543 -56.56 3.77 -10.94
N THR B 544 -56.06 2.55 -11.05
CA THR B 544 -54.66 2.30 -11.27
C THR B 544 -54.51 1.37 -12.44
N PHE B 545 -53.64 1.77 -13.38
CA PHE B 545 -53.30 0.97 -14.55
C PHE B 545 -51.83 0.55 -14.47
N LEU B 546 -51.57 -0.75 -14.31
CA LEU B 546 -50.21 -1.25 -14.19
C LEU B 546 -49.68 -1.76 -15.53
N PHE B 547 -48.47 -1.32 -15.89
CA PHE B 547 -47.81 -1.80 -17.11
C PHE B 547 -46.41 -2.25 -16.77
N ASN B 548 -46.12 -3.49 -17.15
CA ASN B 548 -44.89 -4.17 -16.78
C ASN B 548 -44.51 -5.12 -17.92
N GLY B 549 -43.22 -5.25 -18.19
CA GLY B 549 -42.76 -6.04 -19.32
C GLY B 549 -43.09 -5.54 -20.73
N ALA B 550 -43.33 -6.49 -21.64
CA ALA B 550 -43.79 -6.24 -23.04
C ALA B 550 -45.31 -6.19 -23.07
N PHE B 551 -45.84 -5.08 -22.62
CA PHE B 551 -47.24 -4.99 -22.28
C PHE B 551 -48.12 -4.71 -23.50
N GLY B 552 -47.52 -4.58 -24.68
CA GLY B 552 -48.32 -4.49 -25.91
C GLY B 552 -48.77 -3.09 -26.26
N GLN B 553 -49.73 -2.97 -27.15
CA GLN B 553 -50.35 -1.67 -27.38
C GLN B 553 -51.74 -1.62 -26.72
N ASP B 554 -51.91 -0.71 -25.77
CA ASP B 554 -53.12 -0.65 -24.94
C ASP B 554 -53.82 0.67 -25.15
N ARG B 555 -55.13 0.64 -24.88
CA ARG B 555 -56.05 1.75 -24.93
C ARG B 555 -56.77 1.87 -23.58
N VAL B 556 -56.68 3.05 -23.01
CA VAL B 556 -57.24 3.38 -21.71
C VAL B 556 -58.29 4.51 -21.95
N VAL B 557 -59.54 4.24 -21.57
CA VAL B 557 -60.65 5.17 -21.73
C VAL B 557 -61.11 5.65 -20.35
N GLY B 558 -61.47 6.92 -20.23
CA GLY B 558 -62.00 7.41 -18.96
C GLY B 558 -60.96 7.87 -17.97
N PHE B 559 -59.69 7.90 -18.39
CA PHE B 559 -58.59 8.37 -17.54
C PHE B 559 -58.82 9.81 -17.14
N THR B 560 -58.85 10.05 -15.85
CA THR B 560 -59.06 11.39 -15.32
C THR B 560 -57.90 11.76 -14.41
N SER B 561 -58.02 12.93 -13.80
CA SER B 561 -57.07 13.53 -12.86
C SER B 561 -56.84 12.75 -11.55
N ASN B 562 -57.79 11.91 -11.18
CA ASN B 562 -57.58 11.11 -9.96
C ASN B 562 -57.07 9.69 -10.22
N ASP B 563 -56.76 9.37 -11.48
CA ASP B 563 -56.12 8.11 -11.85
C ASP B 563 -54.59 8.17 -11.92
N LYS B 564 -54.01 6.98 -12.07
CA LYS B 564 -52.57 6.81 -12.03
C LYS B 564 -52.14 5.72 -13.00
N LEU B 565 -51.12 6.03 -13.79
CA LEU B 565 -50.45 5.02 -14.59
C LEU B 565 -49.14 4.68 -13.87
N VAL B 566 -48.72 3.43 -13.98
CA VAL B 566 -47.53 2.96 -13.33
C VAL B 566 -46.78 2.07 -14.35
N PHE B 567 -45.60 2.57 -14.74
CA PHE B 567 -44.64 1.85 -15.57
C PHE B 567 -43.46 1.32 -14.75
N LEU B 568 -43.40 -0.01 -14.75
CA LEU B 568 -42.55 -0.81 -13.88
C LEU B 568 -42.03 -1.92 -14.73
N GLY B 569 -40.70 -2.02 -14.90
CA GLY B 569 -40.06 -3.10 -15.63
C GLY B 569 -40.40 -3.01 -17.10
N VAL B 570 -40.43 -1.78 -17.60
CA VAL B 570 -40.75 -1.56 -19.02
C VAL B 570 -39.51 -1.04 -19.77
N GLN B 571 -39.45 -1.31 -21.07
CA GLN B 571 -38.27 -0.95 -21.88
C GLN B 571 -38.01 0.54 -22.08
N GLY B 572 -36.73 0.92 -22.14
CA GLY B 572 -36.39 2.26 -22.62
C GLY B 572 -36.49 3.37 -21.60
N VAL B 573 -36.55 3.02 -20.33
CA VAL B 573 -36.57 4.04 -19.27
C VAL B 573 -35.13 4.38 -18.95
N LEU B 574 -34.70 5.55 -19.36
CA LEU B 574 -33.36 6.01 -19.06
C LEU B 574 -33.32 6.59 -17.63
N PRO B 575 -32.13 6.58 -16.99
CA PRO B 575 -32.11 7.02 -15.60
C PRO B 575 -32.88 8.32 -15.36
N ASN B 576 -33.86 8.24 -14.46
CA ASN B 576 -34.70 9.41 -14.08
C ASN B 576 -35.65 10.05 -15.15
N ASP B 577 -35.74 9.44 -16.33
CA ASP B 577 -36.87 9.70 -17.24
C ASP B 577 -38.16 10.01 -16.44
N ASP B 578 -38.86 11.06 -16.86
CA ASP B 578 -40.27 11.29 -16.49
C ASP B 578 -41.11 11.03 -17.73
N PHE B 579 -42.44 11.09 -17.61
CA PHE B 579 -43.34 10.74 -18.70
C PHE B 579 -43.15 11.55 -20.00
N ARG B 580 -42.69 12.79 -19.86
CA ARG B 580 -42.50 13.72 -20.99
C ARG B 580 -41.46 13.23 -21.99
N ALA B 581 -40.60 12.30 -21.57
CA ALA B 581 -39.57 11.73 -22.44
C ALA B 581 -40.19 10.63 -23.27
N HIS B 582 -41.42 10.28 -22.93
CA HIS B 582 -42.15 9.16 -23.50
C HIS B 582 -43.52 9.53 -24.08
N ALA B 583 -43.92 10.79 -23.90
CA ALA B 583 -45.26 11.26 -24.27
C ALA B 583 -45.33 12.11 -25.54
N SER B 584 -46.28 11.79 -26.42
CA SER B 584 -46.66 12.65 -27.54
C SER B 584 -48.19 12.67 -27.74
N MET B 585 -48.69 13.64 -28.50
CA MET B 585 -50.10 13.67 -28.94
C MET B 585 -50.24 12.86 -30.22
N VAL B 586 -51.32 12.07 -30.37
CA VAL B 586 -51.70 11.50 -31.67
C VAL B 586 -53.20 11.78 -31.91
N GLY B 587 -53.47 12.89 -32.61
CA GLY B 587 -54.81 13.41 -32.74
C GLY B 587 -55.28 13.90 -31.39
N GLN B 588 -56.36 13.29 -30.89
CA GLN B 588 -57.02 13.71 -29.65
C GLN B 588 -56.46 13.02 -28.38
N ASP B 589 -55.62 12.00 -28.62
CA ASP B 589 -55.07 11.08 -27.61
C ASP B 589 -53.61 11.36 -27.19
N THR B 590 -53.29 11.24 -25.90
CA THR B 590 -51.87 11.15 -25.50
C THR B 590 -51.33 9.73 -25.70
N VAL B 591 -50.15 9.59 -26.31
CA VAL B 591 -49.54 8.28 -26.47
C VAL B 591 -48.21 8.19 -25.70
N LEU B 592 -48.10 7.18 -24.85
CA LEU B 592 -46.87 6.87 -24.12
C LEU B 592 -46.25 5.64 -24.73
N LYS B 593 -44.97 5.76 -25.06
CA LYS B 593 -44.18 4.74 -25.76
C LYS B 593 -42.96 4.31 -24.92
N PHE B 594 -42.83 3.00 -24.77
CA PHE B 594 -41.77 2.33 -24.03
C PHE B 594 -41.25 1.17 -24.91
N GLY B 595 -40.15 1.40 -25.61
CA GLY B 595 -39.67 0.47 -26.64
C GLY B 595 -40.73 0.28 -27.71
N GLY B 596 -41.05 -0.97 -28.01
CA GLY B 596 -42.16 -1.32 -28.90
C GLY B 596 -43.57 -1.34 -28.28
N ASP B 597 -43.71 -1.04 -26.99
CA ASP B 597 -45.01 -1.13 -26.31
C ASP B 597 -45.57 0.28 -26.11
N SER B 598 -46.89 0.42 -25.98
CA SER B 598 -47.48 1.76 -25.83
C SER B 598 -48.84 1.76 -25.12
N VAL B 599 -49.12 2.88 -24.48
CA VAL B 599 -50.41 3.16 -23.93
C VAL B 599 -50.94 4.42 -24.60
N THR B 600 -52.19 4.32 -25.09
CA THR B 600 -52.93 5.46 -25.64
C THR B 600 -54.05 5.90 -24.67
N LEU B 601 -53.97 7.13 -24.19
CA LEU B 601 -54.95 7.69 -23.25
C LEU B 601 -56.04 8.44 -24.06
N VAL B 602 -57.09 7.70 -24.43
CA VAL B 602 -58.08 8.18 -25.37
C VAL B 602 -58.61 9.52 -24.92
N GLY B 603 -58.38 10.52 -25.78
CA GLY B 603 -58.95 11.85 -25.63
C GLY B 603 -58.42 12.73 -24.53
N VAL B 604 -57.39 12.26 -23.82
CA VAL B 604 -56.70 13.03 -22.75
C VAL B 604 -55.66 13.93 -23.45
N ALA B 605 -55.59 15.21 -23.08
CA ALA B 605 -54.57 16.05 -23.67
C ALA B 605 -53.28 16.05 -22.82
N LEU B 606 -52.17 15.78 -23.47
CA LEU B 606 -50.85 15.69 -22.88
C LEU B 606 -50.61 16.77 -21.88
N ASN B 607 -51.04 17.97 -22.20
CA ASN B 607 -50.77 19.03 -21.31
C ASN B 607 -51.64 19.06 -20.08
N SER B 608 -52.49 18.07 -19.87
CA SER B 608 -53.27 18.09 -18.67
C SER B 608 -52.71 17.11 -17.69
N LEU B 609 -51.69 16.39 -18.12
CA LEU B 609 -50.98 15.37 -17.33
C LEU B 609 -49.93 15.97 -16.42
N SER B 610 -49.68 15.24 -15.35
CA SER B 610 -48.85 15.66 -14.24
C SER B 610 -48.06 14.41 -13.80
N ALA B 611 -46.78 14.57 -13.45
CA ALA B 611 -45.94 13.43 -13.08
C ALA B 611 -46.51 12.59 -11.92
N ASP B 612 -47.30 13.25 -11.07
CA ASP B 612 -48.05 12.60 -9.96
C ASP B 612 -48.93 11.44 -10.39
N GLY B 613 -49.54 11.54 -11.56
CA GLY B 613 -50.40 10.51 -12.04
C GLY B 613 -49.79 9.56 -13.05
N ILE B 614 -48.52 9.72 -13.39
CA ILE B 614 -47.82 8.81 -14.33
C ILE B 614 -46.46 8.42 -13.76
N VAL B 615 -46.40 7.25 -13.13
CA VAL B 615 -45.19 6.83 -12.43
C VAL B 615 -44.29 6.06 -13.40
N ILE B 616 -43.06 6.49 -13.59
CA ILE B 616 -42.12 5.77 -14.46
C ILE B 616 -40.97 5.23 -13.66
N ALA B 617 -40.77 3.92 -13.72
CA ALA B 617 -39.68 3.27 -13.03
C ALA B 617 -38.92 2.35 -13.99
CA CA C . 20.02 13.67 5.58
CA CA D . 30.87 -8.42 8.74
CA CA E . 37.37 6.87 1.26
CA CA F . 35.14 -9.09 9.77
CA CA G . 57.04 4.32 22.33
CA CA H . 54.05 7.70 21.59
CA CA I . 62.02 15.17 7.40
CA CA J . 51.08 11.28 20.57
CA CA K . -2.80 1.28 18.35
CA CA L . -21.38 7.11 -10.30
CA CA M . -29.22 -15.36 -3.84
CA CA N . -37.99 0.52 -3.31
CA CA O . -56.44 -12.71 -21.41
CA CA P . -53.88 -8.98 -22.03
CA CA Q . -62.93 2.52 -11.65
CA CA R . -51.46 -4.98 -22.51
CA CA S . 3.25 -6.41 -16.73
#